data_1NOB
#
_entry.id   1NOB
#
_cell.length_a   61.910
_cell.length_b   104.820
_cell.length_c   77.190
_cell.angle_alpha   90.00
_cell.angle_beta   96.90
_cell.angle_gamma   90.00
#
_symmetry.space_group_name_H-M   'P 1 21 1'
#
_entity_poly.entity_id   1
_entity_poly.type   'polypeptide(L)'
_entity_poly.pdbx_seq_one_letter_code
;TPYDPLTLWTTPDPPPNCSLIQELDAKLTLCLTKNGSIVNGIVSLVGVKGNLLNIQSTTTTVGVHLVFDEQGRLITSTPT
ALVPQASWGYRQGQSVSTNTVTNGLGFMPNVSAYPRPNASEAKSQMVSLTYLQGDTSKPITMKVAFNGITSLNGYSLTFM
WSGLSNYINQPFSTPSCSFSYITQE
;
_entity_poly.pdbx_strand_id   A,B,C,D,E,F
#
# COMPACT_ATOMS: atom_id res chain seq x y z
N THR A 1 -22.50 -15.86 -38.76
CA THR A 1 -22.37 -15.68 -37.29
C THR A 1 -23.72 -15.51 -36.59
N PRO A 2 -24.30 -16.63 -36.11
CA PRO A 2 -25.59 -16.68 -35.41
C PRO A 2 -25.55 -16.04 -34.02
N TYR A 3 -24.51 -16.37 -33.25
CA TYR A 3 -24.35 -15.85 -31.89
C TYR A 3 -23.82 -14.42 -31.88
N ASP A 4 -23.76 -13.85 -30.68
CA ASP A 4 -23.27 -12.49 -30.50
C ASP A 4 -21.95 -12.50 -29.74
N PRO A 5 -20.83 -12.28 -30.44
CA PRO A 5 -19.50 -12.26 -29.84
C PRO A 5 -19.24 -11.04 -28.93
N LEU A 6 -20.29 -10.36 -28.51
CA LEU A 6 -20.16 -9.21 -27.61
C LEU A 6 -20.95 -9.44 -26.33
N THR A 7 -21.54 -10.62 -26.20
CA THR A 7 -22.34 -10.92 -25.03
C THR A 7 -21.99 -12.27 -24.43
N LEU A 8 -21.82 -12.30 -23.12
CA LEU A 8 -21.53 -13.51 -22.39
C LEU A 8 -22.54 -13.56 -21.29
N TRP A 9 -23.46 -14.53 -21.36
CA TRP A 9 -24.48 -14.62 -20.34
C TRP A 9 -24.77 -16.07 -19.96
N THR A 10 -25.83 -16.23 -19.18
CA THR A 10 -26.30 -17.50 -18.68
C THR A 10 -27.73 -17.74 -19.16
N THR A 11 -28.08 -17.12 -20.30
CA THR A 11 -29.44 -17.17 -20.86
C THR A 11 -30.28 -16.42 -19.84
N PRO A 12 -31.42 -15.85 -20.27
CA PRO A 12 -32.31 -15.10 -19.37
C PRO A 12 -32.98 -15.78 -18.18
N ASP A 13 -33.58 -16.95 -18.39
CA ASP A 13 -34.30 -17.64 -17.31
C ASP A 13 -33.72 -19.01 -16.97
N PRO A 14 -32.49 -19.04 -16.46
CA PRO A 14 -31.74 -20.24 -16.07
C PRO A 14 -32.23 -20.96 -14.82
N PRO A 15 -32.07 -22.29 -14.76
CA PRO A 15 -32.48 -23.10 -13.63
C PRO A 15 -31.47 -22.84 -12.50
N PRO A 16 -31.67 -23.46 -11.32
CA PRO A 16 -30.69 -23.21 -10.24
C PRO A 16 -29.31 -23.63 -10.74
N ASN A 17 -28.39 -22.67 -10.85
CA ASN A 17 -27.05 -22.95 -11.33
C ASN A 17 -25.97 -22.70 -10.27
N CYS A 18 -26.43 -22.50 -9.04
CA CYS A 18 -25.55 -22.24 -7.90
C CYS A 18 -25.89 -23.09 -6.67
N SER A 19 -24.84 -23.44 -5.95
CA SER A 19 -24.95 -24.23 -4.72
C SER A 19 -24.11 -23.43 -3.73
N LEU A 20 -24.67 -22.33 -3.27
CA LEU A 20 -23.97 -21.44 -2.33
C LEU A 20 -23.93 -21.99 -0.91
N ILE A 21 -25.10 -22.23 -0.32
CA ILE A 21 -25.17 -22.77 1.04
C ILE A 21 -25.24 -24.30 0.95
N GLN A 22 -26.11 -24.78 0.05
CA GLN A 22 -26.30 -26.20 -0.20
C GLN A 22 -26.46 -26.40 -1.71
N GLU A 23 -26.48 -27.64 -2.17
CA GLU A 23 -26.59 -27.92 -3.60
C GLU A 23 -27.76 -27.25 -4.33
N LEU A 24 -27.44 -26.61 -5.45
CA LEU A 24 -28.41 -25.91 -6.29
C LEU A 24 -29.41 -25.12 -5.47
N ASP A 25 -28.92 -24.24 -4.60
CA ASP A 25 -29.82 -23.47 -3.77
C ASP A 25 -30.06 -22.06 -4.26
N ALA A 26 -29.46 -21.71 -5.40
CA ALA A 26 -29.64 -20.36 -5.95
C ALA A 26 -29.48 -20.23 -7.46
N LYS A 27 -30.31 -19.38 -8.06
CA LYS A 27 -30.24 -19.09 -9.50
C LYS A 27 -29.48 -17.78 -9.69
N LEU A 28 -28.44 -17.83 -10.51
CA LEU A 28 -27.60 -16.66 -10.81
C LEU A 28 -27.75 -16.24 -12.26
N THR A 29 -28.30 -15.05 -12.50
CA THR A 29 -28.47 -14.55 -13.87
C THR A 29 -27.40 -13.48 -14.09
N LEU A 30 -26.56 -13.69 -15.10
CA LEU A 30 -25.48 -12.78 -15.40
C LEU A 30 -25.28 -12.54 -16.89
N CYS A 31 -25.19 -11.27 -17.24
CA CYS A 31 -25.01 -10.84 -18.63
C CYS A 31 -23.88 -9.81 -18.75
N LEU A 32 -22.86 -10.14 -19.53
CA LEU A 32 -21.73 -9.24 -19.75
C LEU A 32 -21.62 -8.83 -21.21
N THR A 33 -21.86 -7.54 -21.48
CA THR A 33 -21.80 -7.02 -22.83
C THR A 33 -20.60 -6.12 -23.03
N LYS A 34 -19.86 -6.37 -24.10
CA LYS A 34 -18.67 -5.56 -24.34
C LYS A 34 -18.92 -4.34 -25.22
N ASN A 35 -18.70 -3.16 -24.65
CA ASN A 35 -18.84 -1.91 -25.38
C ASN A 35 -17.49 -1.23 -25.37
N GLY A 36 -16.62 -1.67 -26.27
CA GLY A 36 -15.29 -1.10 -26.34
C GLY A 36 -14.45 -1.41 -25.11
N SER A 37 -13.85 -0.38 -24.53
CA SER A 37 -12.98 -0.53 -23.37
C SER A 37 -13.70 -0.77 -22.03
N ILE A 38 -15.02 -0.72 -22.03
CA ILE A 38 -15.80 -0.93 -20.81
C ILE A 38 -16.87 -1.99 -21.04
N VAL A 39 -17.21 -2.72 -19.98
CA VAL A 39 -18.23 -3.76 -20.04
C VAL A 39 -19.43 -3.35 -19.20
N ASN A 40 -20.63 -3.56 -19.71
CA ASN A 40 -21.85 -3.25 -18.97
C ASN A 40 -22.45 -4.59 -18.52
N GLY A 41 -22.44 -4.87 -17.22
CA GLY A 41 -22.99 -6.12 -16.75
C GLY A 41 -24.21 -5.96 -15.85
N ILE A 42 -25.08 -6.97 -15.82
CA ILE A 42 -26.26 -6.96 -14.98
C ILE A 42 -26.35 -8.26 -14.16
N VAL A 43 -26.26 -8.12 -12.84
CA VAL A 43 -26.29 -9.29 -11.98
C VAL A 43 -27.63 -9.45 -11.29
N SER A 44 -27.99 -10.70 -11.03
CA SER A 44 -29.26 -11.00 -10.40
C SER A 44 -29.13 -12.34 -9.70
N LEU A 45 -29.52 -12.39 -8.43
CA LEU A 45 -29.47 -13.64 -7.65
C LEU A 45 -30.70 -13.80 -6.76
N VAL A 46 -31.26 -15.01 -6.75
CA VAL A 46 -32.42 -15.36 -5.92
C VAL A 46 -32.22 -16.77 -5.33
N GLY A 47 -32.53 -16.92 -4.05
CA GLY A 47 -32.37 -18.21 -3.40
C GLY A 47 -33.62 -19.06 -3.49
N VAL A 48 -33.44 -20.37 -3.63
CA VAL A 48 -34.56 -21.29 -3.73
C VAL A 48 -34.53 -22.43 -2.71
N LYS A 49 -33.36 -22.74 -2.16
CA LYS A 49 -33.28 -23.81 -1.16
C LYS A 49 -32.45 -23.45 0.06
N GLY A 50 -32.86 -24.02 1.18
CA GLY A 50 -32.15 -23.82 2.43
C GLY A 50 -32.10 -22.42 3.00
N ASN A 51 -31.04 -22.14 3.75
CA ASN A 51 -30.88 -20.83 4.37
C ASN A 51 -31.09 -19.62 3.48
N LEU A 52 -31.01 -19.80 2.16
CA LEU A 52 -31.20 -18.67 1.27
C LEU A 52 -32.63 -18.17 1.32
N LEU A 53 -33.53 -19.01 1.81
CA LEU A 53 -34.93 -18.65 1.92
C LEU A 53 -35.17 -18.05 3.29
N ASN A 54 -34.23 -18.25 4.20
CA ASN A 54 -34.35 -17.69 5.53
C ASN A 54 -33.01 -17.17 6.00
N ILE A 55 -32.83 -15.87 5.88
CA ILE A 55 -31.60 -15.22 6.27
C ILE A 55 -31.38 -15.33 7.79
N GLN A 56 -30.16 -15.75 8.17
CA GLN A 56 -29.79 -15.93 9.56
C GLN A 56 -29.27 -14.64 10.15
N SER A 57 -29.28 -14.56 11.47
CA SER A 57 -28.82 -13.39 12.18
C SER A 57 -27.34 -13.12 11.97
N THR A 58 -26.58 -14.10 11.49
CA THR A 58 -25.16 -13.89 11.24
C THR A 58 -24.87 -13.76 9.75
N THR A 59 -25.86 -14.08 8.93
CA THR A 59 -25.68 -13.98 7.48
C THR A 59 -25.77 -12.53 7.05
N THR A 60 -24.65 -11.83 7.07
CA THR A 60 -24.63 -10.43 6.68
C THR A 60 -24.21 -10.31 5.23
N THR A 61 -23.64 -11.37 4.68
CA THR A 61 -23.25 -11.35 3.28
C THR A 61 -23.54 -12.66 2.56
N VAL A 62 -24.02 -12.54 1.34
CA VAL A 62 -24.31 -13.69 0.51
C VAL A 62 -23.70 -13.35 -0.83
N GLY A 63 -22.94 -14.28 -1.41
CA GLY A 63 -22.33 -13.97 -2.68
C GLY A 63 -21.83 -15.11 -3.54
N VAL A 64 -21.37 -14.76 -4.73
CA VAL A 64 -20.87 -15.74 -5.66
C VAL A 64 -19.61 -15.23 -6.34
N HIS A 65 -18.72 -16.16 -6.67
CA HIS A 65 -17.48 -15.84 -7.36
C HIS A 65 -17.53 -16.48 -8.73
N LEU A 66 -16.89 -15.87 -9.70
CA LEU A 66 -16.81 -16.45 -11.03
C LEU A 66 -15.35 -16.27 -11.37
N VAL A 67 -14.65 -17.39 -11.52
CA VAL A 67 -13.22 -17.37 -11.80
C VAL A 67 -12.92 -17.78 -13.24
N PHE A 68 -12.19 -16.92 -13.95
CA PHE A 68 -11.83 -17.19 -15.33
C PHE A 68 -10.33 -17.47 -15.42
N ASP A 69 -9.89 -17.99 -16.55
CA ASP A 69 -8.47 -18.30 -16.75
C ASP A 69 -7.81 -17.43 -17.81
N GLU A 70 -6.49 -17.56 -17.89
CA GLU A 70 -5.63 -16.86 -18.82
C GLU A 70 -6.31 -16.32 -20.09
N GLN A 71 -7.27 -17.05 -20.63
CA GLN A 71 -7.96 -16.62 -21.84
C GLN A 71 -9.40 -16.16 -21.61
N GLY A 72 -9.72 -15.81 -20.38
CA GLY A 72 -11.06 -15.34 -20.06
C GLY A 72 -12.14 -16.39 -20.15
N ARG A 73 -11.81 -17.64 -19.85
CA ARG A 73 -12.77 -18.72 -19.90
C ARG A 73 -13.13 -19.12 -18.48
N LEU A 74 -14.38 -19.55 -18.30
CA LEU A 74 -14.88 -19.93 -16.98
C LEU A 74 -14.38 -21.29 -16.50
N ILE A 75 -13.91 -21.31 -15.27
CA ILE A 75 -13.40 -22.51 -14.63
C ILE A 75 -14.52 -22.95 -13.71
N THR A 76 -15.21 -24.02 -14.09
CA THR A 76 -16.35 -24.53 -13.32
C THR A 76 -16.04 -25.19 -12.00
N SER A 77 -14.87 -24.94 -11.43
CA SER A 77 -14.57 -25.55 -10.13
C SER A 77 -14.48 -24.47 -9.05
N THR A 78 -14.41 -24.91 -7.79
CA THR A 78 -14.32 -23.99 -6.66
C THR A 78 -13.25 -22.95 -6.94
N PRO A 79 -13.46 -21.70 -6.54
CA PRO A 79 -14.60 -21.10 -5.83
C PRO A 79 -15.77 -20.70 -6.72
N THR A 80 -15.67 -21.01 -8.01
CA THR A 80 -16.71 -20.65 -8.96
C THR A 80 -18.10 -21.12 -8.60
N ALA A 81 -18.98 -20.17 -8.34
CA ALA A 81 -20.36 -20.47 -8.01
C ALA A 81 -21.01 -21.36 -9.07
N LEU A 82 -20.99 -20.93 -10.34
CA LEU A 82 -21.61 -21.70 -11.42
C LEU A 82 -21.15 -23.16 -11.55
N VAL A 83 -22.08 -24.08 -11.30
CA VAL A 83 -21.78 -25.51 -11.37
C VAL A 83 -21.47 -25.90 -12.80
N PRO A 84 -20.63 -26.93 -12.99
CA PRO A 84 -20.21 -27.42 -14.31
C PRO A 84 -21.29 -27.50 -15.39
N GLN A 85 -22.47 -27.97 -15.02
CA GLN A 85 -23.56 -28.07 -16.00
C GLN A 85 -24.16 -26.73 -16.43
N ALA A 86 -24.13 -25.73 -15.55
CA ALA A 86 -24.70 -24.42 -15.86
C ALA A 86 -24.30 -23.82 -17.21
N SER A 87 -25.29 -23.27 -17.92
CA SER A 87 -25.08 -22.64 -19.22
C SER A 87 -24.29 -21.35 -19.11
N TRP A 88 -23.29 -21.21 -19.98
CA TRP A 88 -22.45 -20.03 -19.97
C TRP A 88 -21.55 -19.93 -21.19
N GLY A 89 -21.78 -18.88 -21.98
CA GLY A 89 -21.00 -18.65 -23.17
C GLY A 89 -21.60 -17.48 -23.91
N TYR A 90 -21.32 -17.42 -25.21
CA TYR A 90 -21.84 -16.36 -26.08
C TYR A 90 -23.34 -16.45 -26.25
N ARG A 91 -24.03 -15.32 -26.17
CA ARG A 91 -25.47 -15.31 -26.36
C ARG A 91 -25.81 -15.75 -27.79
N GLN A 92 -26.68 -16.75 -27.89
CA GLN A 92 -27.15 -17.22 -29.19
C GLN A 92 -28.65 -17.39 -28.98
N GLY A 93 -29.42 -16.54 -29.64
CA GLY A 93 -30.86 -16.57 -29.47
C GLY A 93 -31.13 -16.36 -28.00
N GLN A 94 -31.93 -17.25 -27.40
CA GLN A 94 -32.26 -17.16 -25.98
C GLN A 94 -31.41 -18.16 -25.22
N SER A 95 -30.49 -18.81 -25.92
CA SER A 95 -29.65 -19.82 -25.30
C SER A 95 -28.21 -19.33 -25.28
N VAL A 96 -27.28 -20.25 -25.52
CA VAL A 96 -25.86 -19.94 -25.54
C VAL A 96 -25.20 -20.73 -26.68
N SER A 97 -24.20 -20.12 -27.30
CA SER A 97 -23.47 -20.75 -28.40
C SER A 97 -22.57 -21.84 -27.84
N THR A 98 -22.14 -22.76 -28.69
CA THR A 98 -21.28 -23.86 -28.24
C THR A 98 -19.82 -23.48 -28.46
N ASN A 99 -19.61 -22.46 -29.29
CA ASN A 99 -18.27 -21.98 -29.60
C ASN A 99 -17.51 -21.59 -28.34
N THR A 100 -16.29 -22.09 -28.22
CA THR A 100 -15.46 -21.75 -27.07
C THR A 100 -15.15 -20.27 -27.21
N VAL A 101 -15.20 -19.55 -26.10
CA VAL A 101 -14.92 -18.13 -26.14
C VAL A 101 -13.49 -17.89 -26.62
N THR A 102 -13.37 -17.17 -27.73
CA THR A 102 -12.06 -16.89 -28.31
C THR A 102 -11.63 -15.48 -27.99
N ASN A 103 -12.36 -14.81 -27.12
CA ASN A 103 -11.98 -13.45 -26.78
C ASN A 103 -12.36 -13.11 -25.36
N GLY A 104 -12.25 -14.11 -24.49
CA GLY A 104 -12.59 -13.94 -23.08
C GLY A 104 -12.01 -12.69 -22.44
N LEU A 105 -10.77 -12.37 -22.80
CA LEU A 105 -10.08 -11.22 -22.26
C LEU A 105 -10.77 -9.88 -22.50
N GLY A 106 -11.54 -9.80 -23.57
CA GLY A 106 -12.25 -8.58 -23.86
C GLY A 106 -13.40 -8.37 -22.88
N PHE A 107 -13.66 -9.38 -22.05
CA PHE A 107 -14.72 -9.31 -21.06
C PHE A 107 -14.10 -9.34 -19.69
N MET A 108 -12.80 -9.61 -19.63
CA MET A 108 -12.12 -9.66 -18.35
C MET A 108 -11.75 -8.28 -17.80
N PRO A 109 -11.68 -8.16 -16.46
CA PRO A 109 -11.32 -6.89 -15.81
C PRO A 109 -9.83 -6.62 -16.01
N ASN A 110 -9.49 -5.43 -16.47
CA ASN A 110 -8.09 -5.05 -16.72
C ASN A 110 -7.23 -5.24 -15.45
N VAL A 111 -6.17 -6.05 -15.55
CA VAL A 111 -5.31 -6.30 -14.38
C VAL A 111 -4.44 -5.11 -14.02
N SER A 112 -4.28 -4.19 -14.95
CA SER A 112 -3.47 -3.03 -14.66
C SER A 112 -4.33 -2.09 -13.85
N ALA A 113 -5.62 -2.06 -14.16
CA ALA A 113 -6.56 -1.22 -13.44
C ALA A 113 -6.89 -1.87 -12.11
N TYR A 114 -7.13 -3.18 -12.16
CA TYR A 114 -7.48 -3.93 -10.95
C TYR A 114 -6.50 -5.07 -10.65
N PRO A 115 -5.37 -4.75 -9.99
CA PRO A 115 -4.31 -5.68 -9.61
C PRO A 115 -4.74 -6.84 -8.71
N ARG A 116 -4.05 -7.97 -8.79
CA ARG A 116 -4.39 -9.14 -7.99
C ARG A 116 -4.07 -8.91 -6.51
N PRO A 117 -2.85 -8.45 -6.20
CA PRO A 117 -2.47 -8.20 -4.81
C PRO A 117 -3.08 -6.89 -4.29
N ASN A 118 -4.18 -6.47 -4.89
CA ASN A 118 -4.84 -5.22 -4.51
C ASN A 118 -6.37 -5.29 -4.44
N ALA A 119 -6.92 -6.49 -4.34
CA ALA A 119 -8.38 -6.66 -4.28
C ALA A 119 -9.02 -5.76 -3.22
N SER A 120 -8.29 -5.47 -2.14
CA SER A 120 -8.78 -4.62 -1.07
C SER A 120 -8.86 -3.15 -1.48
N GLU A 121 -8.01 -2.78 -2.44
CA GLU A 121 -7.94 -1.41 -2.94
C GLU A 121 -9.25 -0.89 -3.48
N ALA A 122 -9.65 0.29 -2.98
CA ALA A 122 -10.89 0.94 -3.37
C ALA A 122 -11.18 0.87 -4.86
N LYS A 123 -10.15 1.07 -5.68
CA LYS A 123 -10.32 1.05 -7.13
C LYS A 123 -10.77 -0.32 -7.63
N SER A 124 -10.27 -1.38 -6.99
CA SER A 124 -10.63 -2.72 -7.39
C SER A 124 -12.03 -3.09 -6.93
N GLN A 125 -12.81 -2.08 -6.54
CA GLN A 125 -14.18 -2.29 -6.09
C GLN A 125 -15.16 -1.22 -6.56
N MET A 126 -16.33 -1.66 -7.03
CA MET A 126 -17.39 -0.75 -7.47
C MET A 126 -18.53 -1.06 -6.46
N VAL A 127 -19.00 -0.04 -5.75
CA VAL A 127 -20.03 -0.27 -4.75
C VAL A 127 -21.28 0.61 -4.87
N SER A 128 -22.43 0.04 -4.52
CA SER A 128 -23.69 0.78 -4.60
C SER A 128 -24.74 0.35 -3.60
N LEU A 129 -25.71 1.23 -3.39
CA LEU A 129 -26.81 0.95 -2.47
C LEU A 129 -27.91 0.35 -3.31
N THR A 130 -28.48 -0.76 -2.85
CA THR A 130 -29.58 -1.38 -3.58
C THR A 130 -30.60 -1.94 -2.58
N TYR A 131 -31.64 -2.64 -3.07
CA TYR A 131 -32.66 -3.12 -2.15
C TYR A 131 -33.08 -4.58 -2.19
N LEU A 132 -33.01 -5.23 -1.03
CA LEU A 132 -33.37 -6.64 -0.88
C LEU A 132 -34.79 -6.94 -1.40
N GLN A 133 -34.87 -7.81 -2.40
CA GLN A 133 -36.16 -8.14 -2.99
C GLN A 133 -36.67 -6.97 -3.82
N GLY A 134 -35.92 -5.86 -3.81
CA GLY A 134 -36.30 -4.68 -4.58
C GLY A 134 -37.33 -3.84 -3.85
N ASP A 135 -37.29 -3.95 -2.52
CA ASP A 135 -38.20 -3.27 -1.61
C ASP A 135 -37.50 -2.01 -1.11
N THR A 136 -37.99 -0.84 -1.52
CA THR A 136 -37.37 0.43 -1.13
C THR A 136 -37.25 0.70 0.35
N SER A 137 -37.56 -0.28 1.17
CA SER A 137 -37.48 -0.11 2.61
C SER A 137 -36.45 -1.08 3.13
N LYS A 138 -35.98 -1.96 2.25
CA LYS A 138 -34.99 -2.95 2.64
C LYS A 138 -33.68 -2.76 1.91
N PRO A 139 -33.01 -1.61 2.13
CA PRO A 139 -31.73 -1.28 1.50
C PRO A 139 -30.59 -2.21 1.90
N ILE A 140 -29.67 -2.39 0.97
CA ILE A 140 -28.48 -3.22 1.19
C ILE A 140 -27.41 -2.71 0.23
N THR A 141 -26.26 -3.37 0.23
CA THR A 141 -25.18 -2.98 -0.66
C THR A 141 -24.70 -4.10 -1.56
N MET A 142 -24.13 -3.74 -2.69
CA MET A 142 -23.56 -4.74 -3.60
C MET A 142 -22.15 -4.34 -3.93
N LYS A 143 -21.23 -5.26 -3.72
CA LYS A 143 -19.86 -4.97 -4.05
C LYS A 143 -19.41 -5.93 -5.15
N VAL A 144 -18.78 -5.36 -6.17
CA VAL A 144 -18.28 -6.13 -7.27
C VAL A 144 -16.79 -5.84 -7.18
N ALA A 145 -16.01 -6.87 -6.86
CA ALA A 145 -14.56 -6.74 -6.72
C ALA A 145 -13.90 -7.29 -7.96
N PHE A 146 -12.83 -6.66 -8.41
CA PHE A 146 -12.16 -7.12 -9.62
C PHE A 146 -10.84 -7.84 -9.41
N ASN A 147 -10.78 -9.08 -9.88
CA ASN A 147 -9.62 -9.95 -9.75
C ASN A 147 -9.20 -10.15 -8.30
N GLY A 148 -10.16 -10.45 -7.43
CA GLY A 148 -9.84 -10.65 -6.03
C GLY A 148 -9.59 -12.08 -5.65
N ILE A 149 -9.94 -13.00 -6.53
CA ILE A 149 -9.75 -14.42 -6.24
C ILE A 149 -9.36 -15.09 -7.56
N THR A 150 -8.08 -14.98 -7.91
CA THR A 150 -7.58 -15.54 -9.17
C THR A 150 -6.48 -16.57 -9.00
N SER A 151 -5.81 -16.87 -10.11
CA SER A 151 -4.76 -17.88 -10.11
C SER A 151 -3.47 -17.37 -10.74
N LEU A 152 -3.09 -16.14 -10.42
CA LEU A 152 -1.87 -15.54 -10.96
C LEU A 152 -1.99 -15.23 -12.45
N ASN A 153 -2.65 -16.11 -13.19
CA ASN A 153 -2.88 -15.94 -14.62
C ASN A 153 -4.37 -15.70 -14.86
N GLY A 154 -5.16 -15.95 -13.82
CA GLY A 154 -6.59 -15.79 -13.94
C GLY A 154 -7.18 -14.42 -13.68
N TYR A 155 -8.49 -14.34 -13.91
CA TYR A 155 -9.27 -13.13 -13.72
C TYR A 155 -10.51 -13.56 -12.94
N SER A 156 -11.22 -12.60 -12.37
CA SER A 156 -12.43 -12.95 -11.63
C SER A 156 -13.41 -11.80 -11.41
N LEU A 157 -14.62 -12.20 -11.02
CA LEU A 157 -15.70 -11.28 -10.72
C LEU A 157 -16.40 -11.78 -9.47
N THR A 158 -16.29 -11.00 -8.39
CA THR A 158 -16.90 -11.36 -7.12
C THR A 158 -18.05 -10.40 -6.77
N PHE A 159 -19.24 -10.95 -6.57
CA PHE A 159 -20.38 -10.12 -6.21
C PHE A 159 -20.75 -10.47 -4.76
N MET A 160 -20.85 -9.46 -3.93
CA MET A 160 -21.21 -9.65 -2.54
C MET A 160 -22.25 -8.67 -2.03
N TRP A 161 -23.42 -9.20 -1.69
CA TRP A 161 -24.53 -8.41 -1.16
C TRP A 161 -24.45 -8.45 0.37
N SER A 162 -24.34 -7.29 1.01
CA SER A 162 -24.25 -7.25 2.47
C SER A 162 -25.30 -6.37 3.10
N GLY A 163 -25.34 -6.40 4.43
CA GLY A 163 -26.31 -5.62 5.18
C GLY A 163 -27.60 -6.40 5.19
N LEU A 164 -27.48 -7.73 5.22
CA LEU A 164 -28.64 -8.61 5.22
C LEU A 164 -29.00 -9.11 6.62
N SER A 165 -28.01 -9.18 7.51
CA SER A 165 -28.23 -9.70 8.87
C SER A 165 -29.48 -9.16 9.55
N ASN A 166 -29.81 -7.90 9.28
CA ASN A 166 -30.99 -7.32 9.89
C ASN A 166 -32.22 -7.49 9.00
N TYR A 167 -32.46 -8.74 8.57
CA TYR A 167 -33.60 -9.09 7.74
C TYR A 167 -33.88 -10.57 7.96
N ILE A 168 -33.44 -11.08 9.10
CA ILE A 168 -33.60 -12.47 9.46
C ILE A 168 -34.96 -13.08 9.12
N ASN A 169 -34.92 -14.33 8.68
CA ASN A 169 -36.11 -15.11 8.30
C ASN A 169 -36.79 -14.63 7.03
N GLN A 170 -36.05 -13.92 6.20
CA GLN A 170 -36.54 -13.38 4.93
C GLN A 170 -35.85 -14.09 3.80
N PRO A 171 -36.58 -14.35 2.70
CA PRO A 171 -36.01 -15.02 1.53
C PRO A 171 -35.05 -14.06 0.87
N PHE A 172 -33.86 -14.55 0.53
CA PHE A 172 -32.87 -13.69 -0.11
C PHE A 172 -33.12 -13.55 -1.61
N SER A 173 -33.41 -12.33 -2.04
CA SER A 173 -33.64 -12.04 -3.45
C SER A 173 -33.09 -10.64 -3.74
N THR A 174 -32.50 -10.44 -4.91
CA THR A 174 -31.95 -9.13 -5.24
C THR A 174 -32.48 -8.68 -6.57
N PRO A 175 -32.57 -7.36 -6.78
CA PRO A 175 -33.05 -6.86 -8.07
C PRO A 175 -31.92 -7.04 -9.08
N SER A 176 -32.17 -6.74 -10.36
CA SER A 176 -31.12 -6.82 -11.36
C SER A 176 -30.22 -5.65 -11.02
N CYS A 177 -28.94 -5.90 -10.78
CA CYS A 177 -28.04 -4.83 -10.43
C CYS A 177 -27.03 -4.57 -11.52
N SER A 178 -26.75 -3.29 -11.73
CA SER A 178 -25.81 -2.87 -12.76
C SER A 178 -24.42 -2.68 -12.18
N PHE A 179 -23.42 -2.89 -13.03
CA PHE A 179 -22.02 -2.72 -12.68
C PHE A 179 -21.28 -2.66 -13.99
N SER A 180 -20.01 -2.27 -13.97
CA SER A 180 -19.21 -2.18 -15.18
C SER A 180 -17.73 -2.07 -14.80
N TYR A 181 -16.84 -2.15 -15.80
CA TYR A 181 -15.41 -2.09 -15.53
C TYR A 181 -14.56 -2.05 -16.80
N ILE A 182 -13.31 -1.57 -16.66
CA ILE A 182 -12.38 -1.49 -17.79
C ILE A 182 -11.92 -2.89 -18.21
N THR A 183 -11.90 -3.14 -19.50
CA THR A 183 -11.50 -4.45 -19.98
C THR A 183 -10.00 -4.62 -20.13
N GLN A 184 -9.56 -5.88 -20.12
CA GLN A 184 -8.14 -6.22 -20.28
C GLN A 184 -7.76 -5.82 -21.69
N GLU A 185 -8.48 -6.35 -22.66
CA GLU A 185 -8.23 -6.03 -24.05
C GLU A 185 -9.44 -5.32 -24.67
N THR B 1 -27.84 14.35 -42.25
CA THR B 1 -27.16 13.26 -41.50
C THR B 1 -28.15 12.14 -41.16
N PRO B 2 -27.78 10.88 -41.45
CA PRO B 2 -28.62 9.70 -41.19
C PRO B 2 -29.02 9.58 -39.73
N TYR B 3 -29.98 8.70 -39.45
CA TYR B 3 -30.42 8.49 -38.08
C TYR B 3 -29.57 7.38 -37.47
N ASP B 4 -29.65 7.24 -36.15
CA ASP B 4 -28.87 6.23 -35.45
C ASP B 4 -29.73 5.05 -34.99
N PRO B 5 -29.63 3.90 -35.67
CA PRO B 5 -30.42 2.70 -35.33
C PRO B 5 -30.18 2.10 -33.94
N LEU B 6 -29.14 2.54 -33.24
CA LEU B 6 -28.85 2.02 -31.93
C LEU B 6 -29.35 2.96 -30.86
N THR B 7 -29.97 4.06 -31.30
CA THR B 7 -30.44 5.06 -30.36
C THR B 7 -31.85 5.62 -30.50
N LEU B 8 -32.63 5.40 -29.45
CA LEU B 8 -33.98 5.92 -29.41
C LEU B 8 -33.95 6.97 -28.32
N TRP B 9 -34.68 8.06 -28.52
CA TRP B 9 -34.77 9.09 -27.49
C TRP B 9 -35.97 9.99 -27.73
N THR B 10 -36.10 11.01 -26.87
CA THR B 10 -37.19 11.98 -26.92
C THR B 10 -36.66 13.36 -27.30
N THR B 11 -35.41 13.40 -27.78
CA THR B 11 -34.67 14.61 -28.15
C THR B 11 -34.05 15.12 -26.84
N PRO B 12 -32.86 15.74 -26.91
CA PRO B 12 -32.16 16.26 -25.73
C PRO B 12 -32.86 17.24 -24.77
N ASP B 13 -33.82 17.99 -25.27
CA ASP B 13 -34.50 18.98 -24.43
C ASP B 13 -35.97 19.10 -24.85
N PRO B 14 -36.76 18.07 -24.55
CA PRO B 14 -38.18 18.08 -24.92
C PRO B 14 -38.99 19.14 -24.22
N PRO B 15 -40.07 19.60 -24.88
CA PRO B 15 -40.94 20.60 -24.29
C PRO B 15 -41.77 19.72 -23.35
N PRO B 16 -42.67 20.31 -22.54
CA PRO B 16 -43.42 19.36 -21.70
C PRO B 16 -43.97 18.24 -22.59
N ASN B 17 -43.84 16.99 -22.16
CA ASN B 17 -44.32 15.88 -22.98
C ASN B 17 -45.13 14.77 -22.31
N CYS B 18 -45.32 14.87 -21.00
CA CYS B 18 -46.07 13.84 -20.30
C CYS B 18 -47.18 14.40 -19.47
N SER B 19 -48.33 13.73 -19.55
CA SER B 19 -49.47 14.14 -18.76
C SER B 19 -49.60 13.06 -17.70
N LEU B 20 -48.95 13.30 -16.56
CA LEU B 20 -48.94 12.35 -15.44
C LEU B 20 -50.13 12.56 -14.54
N ILE B 21 -50.34 13.81 -14.12
CA ILE B 21 -51.47 14.15 -13.26
C ILE B 21 -52.38 15.14 -14.02
N GLN B 22 -51.76 16.15 -14.63
CA GLN B 22 -52.50 17.12 -15.43
C GLN B 22 -51.80 17.24 -16.79
N GLU B 23 -52.45 17.84 -17.80
CA GLU B 23 -51.88 17.92 -19.15
C GLU B 23 -50.49 18.50 -19.38
N LEU B 24 -49.57 17.67 -19.89
CA LEU B 24 -48.22 18.12 -20.15
C LEU B 24 -47.68 18.79 -18.88
N ASP B 25 -47.72 18.06 -17.79
CA ASP B 25 -47.29 18.56 -16.50
C ASP B 25 -45.87 18.14 -16.13
N ALA B 26 -45.23 17.39 -17.03
CA ALA B 26 -43.86 16.94 -16.78
C ALA B 26 -43.01 16.92 -18.04
N LYS B 27 -41.72 17.11 -17.87
CA LYS B 27 -40.81 17.11 -19.00
C LYS B 27 -39.88 15.89 -18.87
N LEU B 28 -40.17 14.88 -19.68
CA LEU B 28 -39.43 13.62 -19.68
C LEU B 28 -38.29 13.50 -20.68
N THR B 29 -37.06 13.36 -20.21
CA THR B 29 -35.91 13.17 -21.11
C THR B 29 -35.48 11.72 -20.98
N LEU B 30 -35.54 10.98 -22.08
CA LEU B 30 -35.18 9.57 -22.09
C LEU B 30 -34.36 9.18 -23.31
N CYS B 31 -33.20 8.60 -23.05
CA CYS B 31 -32.33 8.14 -24.12
C CYS B 31 -32.02 6.66 -23.89
N LEU B 32 -32.39 5.82 -24.85
CA LEU B 32 -32.14 4.40 -24.76
C LEU B 32 -31.20 3.98 -25.90
N THR B 33 -30.03 3.49 -25.53
CA THR B 33 -29.03 3.04 -26.52
C THR B 33 -28.81 1.55 -26.42
N LYS B 34 -28.62 0.89 -27.56
CA LYS B 34 -28.42 -0.56 -27.55
C LYS B 34 -26.97 -0.97 -27.70
N ASN B 35 -26.48 -1.64 -26.66
CA ASN B 35 -25.10 -2.11 -26.59
C ASN B 35 -25.09 -3.64 -26.54
N GLY B 36 -25.40 -4.28 -27.66
CA GLY B 36 -25.44 -5.73 -27.69
C GLY B 36 -26.64 -6.14 -26.86
N SER B 37 -26.54 -7.22 -26.08
CA SER B 37 -27.68 -7.65 -25.29
C SER B 37 -28.09 -6.69 -24.18
N ILE B 38 -27.46 -5.53 -24.12
CA ILE B 38 -27.83 -4.60 -23.08
C ILE B 38 -28.06 -3.18 -23.57
N VAL B 39 -29.11 -2.56 -23.04
CA VAL B 39 -29.44 -1.19 -23.35
C VAL B 39 -29.07 -0.34 -22.14
N ASN B 40 -28.24 0.67 -22.40
CA ASN B 40 -27.84 1.62 -21.36
C ASN B 40 -28.75 2.82 -21.55
N GLY B 41 -29.47 3.20 -20.49
CA GLY B 41 -30.36 4.35 -20.60
C GLY B 41 -30.23 5.39 -19.51
N ILE B 42 -30.58 6.64 -19.84
CA ILE B 42 -30.57 7.74 -18.90
C ILE B 42 -31.90 8.48 -18.98
N VAL B 43 -32.50 8.78 -17.84
CA VAL B 43 -33.79 9.49 -17.81
C VAL B 43 -33.77 10.61 -16.79
N SER B 44 -34.62 11.61 -17.01
CA SER B 44 -34.74 12.74 -16.09
C SER B 44 -36.18 13.21 -16.16
N LEU B 45 -36.71 13.69 -15.05
CA LEU B 45 -38.08 14.16 -15.03
C LEU B 45 -38.23 15.43 -14.20
N VAL B 46 -38.62 16.53 -14.84
CA VAL B 46 -38.83 17.78 -14.13
C VAL B 46 -40.27 18.24 -14.27
N GLY B 47 -40.88 18.59 -13.14
CA GLY B 47 -42.25 19.05 -13.14
C GLY B 47 -42.38 20.50 -13.57
N VAL B 48 -43.46 20.80 -14.30
CA VAL B 48 -43.69 22.17 -14.74
C VAL B 48 -45.10 22.61 -14.33
N LYS B 49 -45.95 21.65 -13.97
CA LYS B 49 -47.31 21.98 -13.55
C LYS B 49 -47.73 21.38 -12.21
N GLY B 50 -48.80 21.95 -11.67
CA GLY B 50 -49.37 21.50 -10.41
C GLY B 50 -48.51 20.85 -9.34
N ASN B 51 -48.98 19.68 -8.88
CA ASN B 51 -48.34 18.92 -7.83
C ASN B 51 -46.88 18.59 -8.11
N LEU B 52 -46.52 18.64 -9.39
CA LEU B 52 -45.15 18.35 -9.78
C LEU B 52 -44.30 19.56 -9.43
N LEU B 53 -44.88 20.75 -9.51
CA LEU B 53 -44.19 21.98 -9.13
C LEU B 53 -44.20 22.11 -7.61
N ASN B 54 -45.23 21.56 -6.97
CA ASN B 54 -45.32 21.63 -5.52
C ASN B 54 -45.92 20.33 -5.00
N ILE B 55 -45.04 19.42 -4.61
CA ILE B 55 -45.43 18.11 -4.11
C ILE B 55 -46.42 18.19 -2.94
N GLN B 56 -47.51 17.44 -3.04
CA GLN B 56 -48.50 17.41 -1.97
C GLN B 56 -48.28 16.17 -1.13
N SER B 57 -49.04 16.04 -0.06
CA SER B 57 -48.91 14.90 0.85
C SER B 57 -49.36 13.60 0.19
N THR B 58 -50.13 13.72 -0.89
CA THR B 58 -50.61 12.54 -1.60
C THR B 58 -49.66 12.18 -2.74
N THR B 59 -48.74 13.10 -3.06
CA THR B 59 -47.78 12.87 -4.12
C THR B 59 -46.63 12.04 -3.57
N THR B 60 -46.99 10.89 -2.99
CA THR B 60 -46.03 9.98 -2.40
C THR B 60 -45.01 9.49 -3.42
N THR B 61 -45.50 9.07 -4.58
CA THR B 61 -44.65 8.54 -5.65
C THR B 61 -45.00 9.13 -7.02
N VAL B 62 -43.97 9.38 -7.83
CA VAL B 62 -44.16 9.88 -9.17
C VAL B 62 -43.70 8.80 -10.13
N GLY B 63 -44.57 8.45 -11.08
CA GLY B 63 -44.20 7.40 -12.00
C GLY B 63 -44.59 7.63 -13.43
N VAL B 64 -43.86 6.98 -14.33
CA VAL B 64 -44.16 7.06 -15.75
C VAL B 64 -44.05 5.70 -16.41
N HIS B 65 -45.14 5.33 -17.09
CA HIS B 65 -45.23 4.06 -17.79
C HIS B 65 -44.95 4.29 -19.27
N LEU B 66 -44.25 3.36 -19.91
CA LEU B 66 -44.01 3.42 -21.34
C LEU B 66 -44.31 2.01 -21.85
N VAL B 67 -45.48 1.88 -22.47
CA VAL B 67 -45.97 0.62 -22.99
C VAL B 67 -45.61 0.37 -24.45
N PHE B 68 -45.14 -0.84 -24.74
CA PHE B 68 -44.75 -1.17 -26.10
C PHE B 68 -45.51 -2.40 -26.58
N ASP B 69 -45.74 -2.48 -27.89
CA ASP B 69 -46.45 -3.60 -28.44
C ASP B 69 -45.55 -4.81 -28.70
N GLU B 70 -46.10 -5.81 -29.38
CA GLU B 70 -45.35 -7.03 -29.68
C GLU B 70 -44.05 -6.77 -30.44
N GLN B 71 -44.00 -5.72 -31.25
CA GLN B 71 -42.80 -5.38 -31.99
C GLN B 71 -41.97 -4.28 -31.33
N GLY B 72 -42.27 -3.98 -30.08
CA GLY B 72 -41.51 -2.97 -29.37
C GLY B 72 -41.87 -1.53 -29.68
N ARG B 73 -43.03 -1.31 -30.30
CA ARG B 73 -43.46 0.03 -30.66
C ARG B 73 -44.24 0.66 -29.51
N LEU B 74 -43.86 1.88 -29.15
CA LEU B 74 -44.49 2.63 -28.07
C LEU B 74 -45.97 2.85 -28.39
N ILE B 75 -46.83 2.63 -27.40
CA ILE B 75 -48.27 2.83 -27.59
C ILE B 75 -48.65 4.11 -26.84
N THR B 76 -48.94 5.18 -27.59
CA THR B 76 -49.29 6.45 -26.95
C THR B 76 -50.53 6.34 -26.07
N SER B 77 -51.37 5.35 -26.34
CA SER B 77 -52.58 5.13 -25.56
C SER B 77 -52.25 5.07 -24.07
N THR B 78 -53.08 5.68 -23.24
CA THR B 78 -52.86 5.62 -21.80
C THR B 78 -52.86 4.12 -21.49
N PRO B 79 -52.13 3.69 -20.46
CA PRO B 79 -51.27 4.36 -19.48
C PRO B 79 -49.89 4.84 -19.94
N THR B 80 -49.71 5.18 -21.22
CA THR B 80 -48.38 5.65 -21.64
C THR B 80 -48.22 7.15 -21.38
N ALA B 81 -47.26 7.48 -20.53
CA ALA B 81 -46.98 8.86 -20.15
C ALA B 81 -46.82 9.77 -21.36
N LEU B 82 -45.99 9.37 -22.32
CA LEU B 82 -45.77 10.17 -23.51
C LEU B 82 -47.04 10.44 -24.31
N VAL B 83 -47.30 11.71 -24.57
CA VAL B 83 -48.47 12.09 -25.32
C VAL B 83 -48.32 11.64 -26.78
N PRO B 84 -49.44 11.26 -27.41
CA PRO B 84 -49.53 10.79 -28.78
C PRO B 84 -49.15 11.82 -29.82
N GLN B 85 -48.11 12.59 -29.54
CA GLN B 85 -47.68 13.62 -30.47
C GLN B 85 -46.31 14.16 -30.08
N ALA B 86 -45.81 13.67 -28.95
CA ALA B 86 -44.51 14.05 -28.46
C ALA B 86 -43.50 13.25 -29.31
N SER B 87 -42.30 13.79 -29.49
CA SER B 87 -41.31 13.11 -30.30
C SER B 87 -40.57 11.96 -29.58
N TRP B 88 -40.65 10.77 -30.16
CA TRP B 88 -40.00 9.59 -29.62
C TRP B 88 -39.55 8.63 -30.74
N GLY B 89 -38.24 8.37 -30.76
CA GLY B 89 -37.69 7.48 -31.77
C GLY B 89 -36.20 7.65 -32.01
N TYR B 90 -35.76 7.15 -33.15
CA TYR B 90 -34.37 7.22 -33.57
C TYR B 90 -33.74 8.62 -33.53
N ARG B 91 -32.53 8.72 -33.00
CA ARG B 91 -31.85 10.00 -32.98
C ARG B 91 -31.42 10.31 -34.40
N GLN B 92 -31.44 11.58 -34.74
CA GLN B 92 -31.04 12.07 -36.05
C GLN B 92 -30.67 13.51 -35.73
N GLY B 93 -29.38 13.78 -35.60
CA GLY B 93 -28.98 15.13 -35.25
C GLY B 93 -29.45 15.39 -33.82
N GLN B 94 -30.13 16.50 -33.61
CA GLN B 94 -30.67 16.84 -32.31
C GLN B 94 -32.17 16.64 -32.35
N SER B 95 -32.61 15.78 -33.28
CA SER B 95 -34.03 15.54 -33.47
C SER B 95 -34.37 14.04 -33.55
N VAL B 96 -35.57 13.73 -34.01
CA VAL B 96 -36.03 12.34 -34.14
C VAL B 96 -36.46 12.00 -35.55
N SER B 97 -35.86 10.96 -36.14
CA SER B 97 -36.21 10.56 -37.50
C SER B 97 -37.67 10.13 -37.61
N THR B 98 -38.22 10.17 -38.82
CA THR B 98 -39.62 9.79 -39.03
C THR B 98 -39.74 8.32 -39.37
N ASN B 99 -38.62 7.63 -39.44
CA ASN B 99 -38.59 6.22 -39.75
C ASN B 99 -39.10 5.44 -38.55
N THR B 100 -39.96 4.45 -38.79
CA THR B 100 -40.49 3.64 -37.70
C THR B 100 -39.42 2.68 -37.18
N VAL B 101 -39.50 2.37 -35.89
CA VAL B 101 -38.56 1.46 -35.27
C VAL B 101 -38.75 0.06 -35.84
N THR B 102 -37.71 -0.47 -36.46
CA THR B 102 -37.79 -1.81 -37.04
C THR B 102 -36.89 -2.79 -36.30
N ASN B 103 -36.34 -2.37 -35.17
CA ASN B 103 -35.46 -3.23 -34.39
C ASN B 103 -35.75 -2.99 -32.92
N GLY B 104 -37.03 -2.70 -32.65
CA GLY B 104 -37.49 -2.45 -31.30
C GLY B 104 -37.20 -3.56 -30.30
N LEU B 105 -37.31 -4.82 -30.71
CA LEU B 105 -37.04 -5.90 -29.78
C LEU B 105 -35.66 -5.74 -29.17
N GLY B 106 -34.74 -5.22 -29.96
CA GLY B 106 -33.41 -5.02 -29.45
C GLY B 106 -33.45 -3.95 -28.36
N PHE B 107 -34.59 -3.29 -28.20
CA PHE B 107 -34.71 -2.25 -27.18
C PHE B 107 -35.66 -2.64 -26.07
N MET B 108 -36.46 -3.68 -26.30
CA MET B 108 -37.39 -4.14 -25.30
C MET B 108 -36.75 -5.10 -24.31
N PRO B 109 -37.19 -5.06 -23.04
CA PRO B 109 -36.68 -5.92 -21.97
C PRO B 109 -37.10 -7.36 -22.21
N ASN B 110 -36.11 -8.25 -22.13
CA ASN B 110 -36.29 -9.68 -22.34
C ASN B 110 -37.35 -10.32 -21.42
N VAL B 111 -38.46 -10.80 -21.99
CA VAL B 111 -39.55 -11.42 -21.22
C VAL B 111 -39.19 -12.72 -20.51
N SER B 112 -38.26 -13.48 -21.08
CA SER B 112 -37.83 -14.72 -20.48
C SER B 112 -37.18 -14.35 -19.16
N ALA B 113 -36.33 -13.32 -19.20
CA ALA B 113 -35.64 -12.85 -18.01
C ALA B 113 -36.56 -11.98 -17.16
N TYR B 114 -37.52 -11.34 -17.81
CA TYR B 114 -38.50 -10.47 -17.13
C TYR B 114 -39.90 -10.82 -17.62
N PRO B 115 -40.58 -11.77 -16.97
CA PRO B 115 -41.92 -12.20 -17.36
C PRO B 115 -42.97 -11.12 -17.26
N ARG B 116 -44.03 -11.25 -18.06
CA ARG B 116 -45.13 -10.29 -18.09
C ARG B 116 -46.02 -10.36 -16.84
N PRO B 117 -46.12 -11.55 -16.21
CA PRO B 117 -46.92 -11.73 -14.98
C PRO B 117 -46.09 -11.40 -13.74
N ASN B 118 -44.82 -11.81 -13.76
CA ASN B 118 -43.88 -11.60 -12.66
C ASN B 118 -43.35 -10.17 -12.60
N ALA B 119 -44.27 -9.20 -12.53
CA ALA B 119 -43.89 -7.79 -12.47
C ALA B 119 -43.46 -7.46 -11.05
N SER B 120 -43.65 -8.40 -10.13
CA SER B 120 -43.30 -8.20 -8.74
C SER B 120 -42.05 -8.94 -8.31
N GLU B 121 -41.50 -9.77 -9.20
CA GLU B 121 -40.28 -10.50 -8.88
C GLU B 121 -39.12 -9.51 -8.85
N ALA B 122 -38.28 -9.64 -7.84
CA ALA B 122 -37.13 -8.75 -7.63
C ALA B 122 -36.33 -8.45 -8.89
N LYS B 123 -36.09 -9.48 -9.68
CA LYS B 123 -35.32 -9.38 -10.91
C LYS B 123 -35.95 -8.51 -12.01
N SER B 124 -37.25 -8.24 -11.94
CA SER B 124 -37.90 -7.40 -12.95
C SER B 124 -37.73 -5.93 -12.57
N GLN B 125 -36.80 -5.67 -11.64
CA GLN B 125 -36.56 -4.31 -11.18
C GLN B 125 -35.10 -4.02 -10.92
N MET B 126 -34.78 -2.74 -11.06
CA MET B 126 -33.44 -2.23 -10.82
C MET B 126 -33.76 -1.04 -9.92
N VAL B 127 -33.29 -1.09 -8.67
CA VAL B 127 -33.60 -0.04 -7.73
C VAL B 127 -32.39 0.74 -7.21
N SER B 128 -32.52 2.06 -7.15
CA SER B 128 -31.43 2.88 -6.68
C SER B 128 -31.88 4.05 -5.83
N LEU B 129 -30.94 4.63 -5.10
CA LEU B 129 -31.19 5.79 -4.26
C LEU B 129 -30.65 6.99 -5.00
N THR B 130 -31.46 8.04 -5.10
CA THR B 130 -31.03 9.26 -5.75
C THR B 130 -31.53 10.46 -4.95
N TYR B 131 -31.27 11.65 -5.46
CA TYR B 131 -31.68 12.84 -4.73
C TYR B 131 -32.59 13.79 -5.48
N LEU B 132 -33.60 14.29 -4.76
CA LEU B 132 -34.56 15.24 -5.32
C LEU B 132 -33.87 16.55 -5.62
N GLN B 133 -34.01 17.02 -6.85
CA GLN B 133 -33.40 18.29 -7.28
C GLN B 133 -31.87 18.18 -7.36
N GLY B 134 -31.33 17.05 -6.93
CA GLY B 134 -29.89 16.86 -6.94
C GLY B 134 -29.28 17.17 -5.59
N ASP B 135 -30.12 17.62 -4.66
CA ASP B 135 -29.69 17.97 -3.30
C ASP B 135 -29.48 16.74 -2.40
N THR B 136 -28.25 16.55 -1.93
CA THR B 136 -27.91 15.41 -1.07
C THR B 136 -28.70 15.29 0.22
N SER B 137 -29.54 16.27 0.52
CA SER B 137 -30.34 16.23 1.74
C SER B 137 -31.78 15.86 1.45
N LYS B 138 -32.07 15.54 0.20
CA LYS B 138 -33.41 15.15 -0.22
C LYS B 138 -33.38 13.83 -0.98
N PRO B 139 -33.08 12.72 -0.27
CA PRO B 139 -33.03 11.41 -0.89
C PRO B 139 -34.39 10.86 -1.31
N ILE B 140 -34.41 10.10 -2.40
CA ILE B 140 -35.64 9.48 -2.90
C ILE B 140 -35.26 8.19 -3.60
N THR B 141 -36.23 7.37 -3.93
CA THR B 141 -35.88 6.09 -4.58
C THR B 141 -36.43 5.94 -5.99
N MET B 142 -35.58 5.52 -6.93
CA MET B 142 -36.06 5.32 -8.31
C MET B 142 -36.13 3.84 -8.62
N LYS B 143 -37.35 3.33 -8.82
CA LYS B 143 -37.54 1.95 -9.17
C LYS B 143 -37.84 1.92 -10.65
N VAL B 144 -37.21 1.00 -11.36
CA VAL B 144 -37.42 0.85 -12.78
C VAL B 144 -37.79 -0.61 -12.95
N ALA B 145 -39.02 -0.86 -13.40
CA ALA B 145 -39.49 -2.24 -13.60
C ALA B 145 -39.70 -2.59 -15.08
N PHE B 146 -39.51 -3.86 -15.42
CA PHE B 146 -39.66 -4.26 -16.80
C PHE B 146 -40.84 -5.21 -17.00
N ASN B 147 -41.60 -4.96 -18.07
CA ASN B 147 -42.74 -5.80 -18.41
C ASN B 147 -43.64 -5.97 -17.22
N GLY B 148 -43.74 -4.91 -16.41
CA GLY B 148 -44.58 -4.96 -15.23
C GLY B 148 -46.00 -4.48 -15.47
N ILE B 149 -46.32 -4.17 -16.72
CA ILE B 149 -47.64 -3.68 -17.06
C ILE B 149 -47.81 -3.81 -18.56
N THR B 150 -47.67 -5.04 -19.05
CA THR B 150 -47.76 -5.35 -20.47
C THR B 150 -49.15 -5.70 -20.98
N SER B 151 -49.21 -6.52 -22.03
CA SER B 151 -50.47 -6.92 -22.62
C SER B 151 -50.44 -8.30 -23.27
N LEU B 152 -49.96 -9.28 -22.52
CA LEU B 152 -49.87 -10.65 -23.01
C LEU B 152 -48.95 -10.81 -24.22
N ASN B 153 -48.80 -9.76 -25.03
CA ASN B 153 -47.96 -9.80 -26.22
C ASN B 153 -46.97 -8.66 -26.37
N GLY B 154 -47.00 -7.70 -25.45
CA GLY B 154 -46.12 -6.55 -25.55
C GLY B 154 -45.03 -6.37 -24.50
N TYR B 155 -44.55 -5.14 -24.34
CA TYR B 155 -43.45 -4.83 -23.41
C TYR B 155 -43.64 -3.49 -22.66
N SER B 156 -42.81 -3.24 -21.65
CA SER B 156 -42.91 -2.00 -20.90
C SER B 156 -41.73 -1.64 -20.00
N LEU B 157 -41.68 -0.36 -19.65
CA LEU B 157 -40.69 0.20 -18.74
C LEU B 157 -41.50 1.09 -17.82
N THR B 158 -41.16 1.05 -16.54
CA THR B 158 -41.85 1.88 -15.57
C THR B 158 -40.79 2.54 -14.73
N PHE B 159 -41.03 3.79 -14.38
CA PHE B 159 -40.12 4.55 -13.55
C PHE B 159 -40.89 5.05 -12.35
N MET B 160 -40.41 4.69 -11.16
CA MET B 160 -41.03 5.10 -9.92
C MET B 160 -40.00 5.76 -9.01
N TRP B 161 -40.30 6.99 -8.61
CA TRP B 161 -39.47 7.77 -7.70
C TRP B 161 -40.33 7.92 -6.44
N SER B 162 -39.98 7.19 -5.39
CA SER B 162 -40.73 7.22 -4.14
C SER B 162 -40.05 8.07 -3.09
N GLY B 163 -40.63 8.09 -1.89
CA GLY B 163 -40.08 8.87 -0.80
C GLY B 163 -40.12 10.35 -1.09
N LEU B 164 -41.29 10.87 -1.43
CA LEU B 164 -41.43 12.28 -1.74
C LEU B 164 -42.08 13.03 -0.59
N SER B 165 -43.12 12.46 0.00
CA SER B 165 -43.83 13.08 1.13
C SER B 165 -42.98 14.03 1.97
N ASN B 166 -41.76 13.60 2.27
CA ASN B 166 -40.82 14.38 3.07
C ASN B 166 -40.54 15.75 2.48
N TYR B 167 -40.86 15.93 1.20
CA TYR B 167 -40.56 17.19 0.53
C TYR B 167 -41.79 17.91 -0.02
N ILE B 168 -42.78 18.17 0.84
CA ILE B 168 -43.98 18.86 0.43
C ILE B 168 -43.70 20.29 -0.03
N ASN B 169 -44.58 20.81 -0.90
CA ASN B 169 -44.45 22.15 -1.45
C ASN B 169 -43.10 22.46 -2.08
N GLN B 170 -42.47 21.41 -2.61
CA GLN B 170 -41.19 21.54 -3.26
C GLN B 170 -41.31 20.99 -4.67
N PRO B 171 -40.62 21.61 -5.63
CA PRO B 171 -40.68 21.14 -7.01
C PRO B 171 -40.11 19.73 -7.17
N PHE B 172 -40.79 18.88 -7.95
CA PHE B 172 -40.32 17.52 -8.18
C PHE B 172 -39.48 17.55 -9.45
N SER B 173 -38.22 17.19 -9.32
CA SER B 173 -37.32 17.13 -10.45
C SER B 173 -36.18 16.21 -10.03
N THR B 174 -35.82 15.29 -10.93
CA THR B 174 -34.77 14.33 -10.64
C THR B 174 -33.49 14.67 -11.37
N PRO B 175 -32.37 14.04 -10.98
CA PRO B 175 -31.14 14.34 -11.69
C PRO B 175 -31.23 13.46 -12.92
N SER B 176 -30.18 13.46 -13.73
CA SER B 176 -30.15 12.63 -14.92
C SER B 176 -29.91 11.26 -14.28
N CYS B 177 -30.83 10.31 -14.48
CA CYS B 177 -30.68 9.00 -13.85
C CYS B 177 -30.45 7.84 -14.80
N SER B 178 -29.47 7.02 -14.49
CA SER B 178 -29.14 5.89 -15.33
C SER B 178 -29.75 4.56 -14.88
N PHE B 179 -29.83 3.64 -15.83
CA PHE B 179 -30.39 2.30 -15.64
C PHE B 179 -30.10 1.45 -16.88
N SER B 180 -30.09 0.13 -16.73
CA SER B 180 -29.81 -0.79 -17.85
C SER B 180 -30.59 -2.09 -17.74
N TYR B 181 -30.66 -2.84 -18.84
CA TYR B 181 -31.40 -4.11 -18.87
C TYR B 181 -31.10 -5.02 -20.06
N ILE B 182 -31.31 -6.32 -19.88
CA ILE B 182 -31.09 -7.34 -20.91
C ILE B 182 -32.19 -7.21 -21.97
N THR B 183 -31.79 -7.17 -23.23
CA THR B 183 -32.77 -7.00 -24.27
C THR B 183 -33.41 -8.29 -24.76
N GLN B 184 -34.66 -8.15 -25.18
CA GLN B 184 -35.45 -9.26 -25.68
C GLN B 184 -34.77 -9.89 -26.90
N GLU B 185 -34.12 -9.05 -27.67
CA GLU B 185 -33.46 -9.50 -28.89
C GLU B 185 -32.22 -8.66 -29.11
N THR C 1 -6.98 0.19 -38.10
CA THR C 1 -6.61 1.21 -37.08
C THR C 1 -6.06 0.57 -35.80
N PRO C 2 -4.90 1.04 -35.33
CA PRO C 2 -4.21 0.57 -34.13
C PRO C 2 -4.80 1.03 -32.79
N TYR C 3 -5.94 1.73 -32.84
CA TYR C 3 -6.57 2.21 -31.60
C TYR C 3 -8.09 2.14 -31.62
N ASP C 4 -8.69 2.51 -30.50
CA ASP C 4 -10.14 2.50 -30.40
C ASP C 4 -10.65 3.94 -30.46
N PRO C 5 -11.17 4.35 -31.63
CA PRO C 5 -11.68 5.71 -31.81
C PRO C 5 -12.89 6.00 -30.92
N LEU C 6 -13.40 4.94 -30.28
CA LEU C 6 -14.57 5.05 -29.41
C LEU C 6 -14.26 5.10 -27.93
N THR C 7 -12.99 5.27 -27.61
CA THR C 7 -12.58 5.34 -26.22
C THR C 7 -11.45 6.33 -26.01
N LEU C 8 -11.57 7.07 -24.91
CA LEU C 8 -10.58 8.06 -24.50
C LEU C 8 -10.25 7.79 -23.03
N TRP C 9 -9.03 7.37 -22.74
CA TRP C 9 -8.68 7.12 -21.33
C TRP C 9 -7.34 7.69 -20.91
N THR C 10 -7.05 7.59 -19.62
CA THR C 10 -5.82 8.08 -19.02
C THR C 10 -4.80 6.95 -18.91
N THR C 11 -5.16 5.79 -19.47
CA THR C 11 -4.39 4.53 -19.44
C THR C 11 -4.85 3.85 -18.16
N PRO C 12 -4.79 2.52 -18.10
CA PRO C 12 -5.21 1.70 -16.94
C PRO C 12 -4.63 2.00 -15.56
N ASP C 13 -3.32 2.23 -15.47
CA ASP C 13 -2.68 2.50 -14.19
C ASP C 13 -1.75 3.71 -14.22
N PRO C 14 -2.30 4.91 -14.42
CA PRO C 14 -1.51 6.15 -14.47
C PRO C 14 -0.87 6.55 -13.15
N PRO C 15 0.21 7.34 -13.21
CA PRO C 15 0.95 7.82 -12.04
C PRO C 15 0.17 9.05 -11.58
N PRO C 16 0.61 9.71 -10.49
CA PRO C 16 -0.12 10.91 -10.04
C PRO C 16 -0.25 11.81 -11.26
N ASN C 17 -1.42 12.38 -11.50
CA ASN C 17 -1.60 13.22 -12.68
C ASN C 17 -2.55 14.39 -12.48
N CYS C 18 -2.77 14.74 -11.22
CA CYS C 18 -3.66 15.84 -10.90
C CYS C 18 -3.06 16.65 -9.79
N SER C 19 -3.43 17.92 -9.75
CA SER C 19 -2.98 18.83 -8.72
C SER C 19 -4.23 19.56 -8.24
N LEU C 20 -4.90 18.96 -7.25
CA LEU C 20 -6.13 19.52 -6.71
C LEU C 20 -5.87 20.64 -5.68
N ILE C 21 -5.13 20.32 -4.63
CA ILE C 21 -4.81 21.32 -3.62
C ILE C 21 -3.35 21.71 -3.84
N GLN C 22 -2.45 20.75 -3.68
CA GLN C 22 -1.04 21.01 -3.91
C GLN C 22 -0.65 20.26 -5.19
N GLU C 23 0.58 20.46 -5.65
CA GLU C 23 1.02 19.83 -6.89
C GLU C 23 1.06 18.30 -6.85
N LEU C 24 0.43 17.68 -7.84
CA LEU C 24 0.41 16.23 -7.98
C LEU C 24 0.07 15.48 -6.70
N ASP C 25 -1.17 15.63 -6.26
CA ASP C 25 -1.64 15.00 -5.06
C ASP C 25 -2.69 13.92 -5.30
N ALA C 26 -2.89 13.55 -6.56
CA ALA C 26 -3.89 12.55 -6.85
C ALA C 26 -3.75 11.79 -8.17
N LYS C 27 -4.28 10.57 -8.16
CA LYS C 27 -4.26 9.69 -9.32
C LYS C 27 -5.69 9.59 -9.81
N LEU C 28 -5.89 9.97 -11.05
CA LEU C 28 -7.20 9.94 -11.67
C LEU C 28 -7.13 8.87 -12.74
N THR C 29 -8.04 7.91 -12.69
CA THR C 29 -8.09 6.86 -13.71
C THR C 29 -9.45 7.06 -14.33
N LEU C 30 -9.48 7.41 -15.61
CA LEU C 30 -10.74 7.71 -16.29
C LEU C 30 -10.91 7.07 -17.65
N CYS C 31 -12.04 6.42 -17.85
CA CYS C 31 -12.32 5.76 -19.13
C CYS C 31 -13.70 6.23 -19.64
N LEU C 32 -13.72 6.81 -20.84
CA LEU C 32 -14.97 7.28 -21.44
C LEU C 32 -15.18 6.47 -22.71
N THR C 33 -16.22 5.65 -22.73
CA THR C 33 -16.49 4.83 -23.91
C THR C 33 -17.84 5.17 -24.54
N LYS C 34 -17.80 5.50 -25.83
CA LYS C 34 -19.00 5.89 -26.54
C LYS C 34 -19.73 4.75 -27.22
N ASN C 35 -21.04 4.72 -27.01
CA ASN C 35 -21.94 3.74 -27.59
C ASN C 35 -23.22 4.44 -28.01
N GLY C 36 -23.25 4.88 -29.27
CA GLY C 36 -24.41 5.59 -29.76
C GLY C 36 -24.49 6.97 -29.14
N SER C 37 -25.66 7.29 -28.62
CA SER C 37 -25.91 8.58 -28.01
C SER C 37 -25.53 8.65 -26.53
N ILE C 38 -24.83 7.64 -26.03
CA ILE C 38 -24.44 7.65 -24.62
C ILE C 38 -23.00 7.26 -24.38
N VAL C 39 -22.43 7.82 -23.31
CA VAL C 39 -21.06 7.51 -22.91
C VAL C 39 -21.07 6.84 -21.52
N ASN C 40 -20.55 5.63 -21.49
CA ASN C 40 -20.44 4.93 -20.25
C ASN C 40 -19.14 5.44 -19.67
N GLY C 41 -19.12 5.68 -18.37
CA GLY C 41 -17.92 6.20 -17.77
C GLY C 41 -17.60 5.50 -16.47
N ILE C 42 -16.32 5.39 -16.18
CA ILE C 42 -15.83 4.79 -14.95
C ILE C 42 -14.73 5.71 -14.50
N VAL C 43 -14.81 6.17 -13.25
CA VAL C 43 -13.79 7.07 -12.74
C VAL C 43 -13.34 6.57 -11.38
N SER C 44 -12.15 6.98 -10.97
CA SER C 44 -11.61 6.57 -9.71
C SER C 44 -10.55 7.58 -9.29
N LEU C 45 -10.58 7.96 -8.02
CA LEU C 45 -9.63 8.93 -7.52
C LEU C 45 -8.98 8.43 -6.24
N VAL C 46 -7.66 8.49 -6.21
CA VAL C 46 -6.91 8.07 -5.03
C VAL C 46 -5.97 9.20 -4.63
N GLY C 47 -6.20 9.76 -3.44
CA GLY C 47 -5.38 10.85 -2.95
C GLY C 47 -4.01 10.37 -2.56
N VAL C 48 -2.96 11.06 -2.99
CA VAL C 48 -1.60 10.66 -2.66
C VAL C 48 -0.78 11.74 -1.92
N LYS C 49 -1.21 13.00 -2.01
CA LYS C 49 -0.46 14.07 -1.35
C LYS C 49 -1.31 14.96 -0.43
N GLY C 50 -0.70 15.42 0.66
CA GLY C 50 -1.37 16.30 1.60
C GLY C 50 -2.73 15.89 2.15
N ASN C 51 -3.69 16.82 2.11
CA ASN C 51 -5.04 16.59 2.61
C ASN C 51 -5.73 15.36 1.99
N LEU C 52 -5.23 14.89 0.86
CA LEU C 52 -5.83 13.74 0.22
C LEU C 52 -5.44 12.44 0.93
N LEU C 53 -4.35 12.48 1.71
CA LEU C 53 -3.87 11.33 2.47
C LEU C 53 -4.54 11.39 3.82
N ASN C 54 -4.68 12.60 4.34
CA ASN C 54 -5.34 12.81 5.62
C ASN C 54 -6.38 13.90 5.51
N ILE C 55 -7.64 13.48 5.63
CA ILE C 55 -8.75 14.41 5.53
C ILE C 55 -8.82 15.35 6.74
N GLN C 56 -8.92 16.64 6.46
CA GLN C 56 -9.01 17.64 7.51
C GLN C 56 -10.45 17.97 7.82
N SER C 57 -10.66 18.56 8.98
CA SER C 57 -12.00 18.94 9.42
C SER C 57 -12.65 19.82 8.37
N THR C 58 -11.88 20.71 7.75
CA THR C 58 -12.41 21.58 6.72
C THR C 58 -12.45 20.94 5.35
N THR C 59 -11.82 19.78 5.19
CA THR C 59 -11.86 19.09 3.91
C THR C 59 -13.27 18.51 3.89
N THR C 60 -14.20 19.22 3.27
CA THR C 60 -15.57 18.74 3.22
C THR C 60 -15.87 18.04 1.91
N THR C 61 -15.24 18.50 0.84
CA THR C 61 -15.45 17.94 -0.49
C THR C 61 -14.13 17.78 -1.23
N VAL C 62 -14.17 17.03 -2.31
CA VAL C 62 -13.02 16.80 -3.16
C VAL C 62 -13.55 16.63 -4.57
N GLY C 63 -13.17 17.53 -5.47
CA GLY C 63 -13.64 17.44 -6.85
C GLY C 63 -12.58 17.59 -7.92
N VAL C 64 -12.93 17.21 -9.14
CA VAL C 64 -12.00 17.34 -10.24
C VAL C 64 -12.84 17.76 -11.46
N HIS C 65 -12.47 18.86 -12.09
CA HIS C 65 -13.20 19.25 -13.28
C HIS C 65 -12.33 18.84 -14.46
N LEU C 66 -12.92 18.83 -15.63
CA LEU C 66 -12.22 18.53 -16.87
C LEU C 66 -12.95 19.41 -17.90
N VAL C 67 -12.24 20.36 -18.48
CA VAL C 67 -12.83 21.26 -19.45
C VAL C 67 -12.33 20.94 -20.85
N PHE C 68 -13.23 21.04 -21.84
CA PHE C 68 -12.90 20.76 -23.25
C PHE C 68 -13.24 21.94 -24.18
N ASP C 69 -12.42 22.13 -25.22
CA ASP C 69 -12.69 23.21 -26.17
C ASP C 69 -13.94 22.87 -26.99
N GLU C 70 -14.21 23.69 -27.99
CA GLU C 70 -15.38 23.52 -28.86
C GLU C 70 -15.34 22.30 -29.77
N GLN C 71 -14.26 21.53 -29.69
CA GLN C 71 -14.12 20.33 -30.49
C GLN C 71 -13.86 19.12 -29.62
N GLY C 72 -14.25 19.24 -28.35
CA GLY C 72 -14.08 18.15 -27.41
C GLY C 72 -12.66 17.81 -27.03
N ARG C 73 -11.72 18.74 -27.23
CA ARG C 73 -10.33 18.48 -26.86
C ARG C 73 -10.05 19.06 -25.48
N LEU C 74 -9.49 18.22 -24.63
CA LEU C 74 -9.19 18.61 -23.25
C LEU C 74 -8.22 19.77 -23.24
N ILE C 75 -8.53 20.78 -22.44
CA ILE C 75 -7.64 21.93 -22.28
C ILE C 75 -6.98 21.61 -20.95
N THR C 76 -5.66 21.45 -20.95
CA THR C 76 -4.93 21.11 -19.74
C THR C 76 -4.44 22.30 -18.93
N SER C 77 -5.35 23.17 -18.55
CA SER C 77 -5.02 24.33 -17.75
C SER C 77 -6.20 24.57 -16.82
N THR C 78 -5.92 25.09 -15.63
CA THR C 78 -6.98 25.34 -14.66
C THR C 78 -8.27 25.83 -15.29
N PRO C 79 -9.42 25.38 -14.78
CA PRO C 79 -9.60 24.43 -13.68
C PRO C 79 -9.49 22.94 -14.00
N THR C 80 -8.95 22.59 -15.17
CA THR C 80 -8.81 21.17 -15.51
C THR C 80 -7.91 20.47 -14.50
N ALA C 81 -8.34 19.30 -14.04
CA ALA C 81 -7.55 18.57 -13.04
C ALA C 81 -6.26 17.97 -13.59
N LEU C 82 -6.36 17.22 -14.68
CA LEU C 82 -5.20 16.58 -15.29
C LEU C 82 -4.14 17.58 -15.78
N VAL C 83 -2.89 17.39 -15.36
CA VAL C 83 -1.78 18.27 -15.73
C VAL C 83 -1.31 18.02 -17.16
N PRO C 84 -0.62 19.00 -17.76
CA PRO C 84 -0.09 18.94 -19.13
C PRO C 84 0.70 17.69 -19.52
N GLN C 85 1.39 17.09 -18.57
CA GLN C 85 2.20 15.91 -18.82
C GLN C 85 1.43 14.58 -18.76
N ALA C 86 0.15 14.68 -18.42
CA ALA C 86 -0.71 13.53 -18.24
C ALA C 86 -1.16 12.84 -19.52
N SER C 87 -1.26 11.51 -19.47
CA SER C 87 -1.72 10.74 -20.63
C SER C 87 -3.22 10.95 -20.79
N TRP C 88 -3.68 11.03 -22.04
CA TRP C 88 -5.10 11.21 -22.33
C TRP C 88 -5.36 11.24 -23.83
N GLY C 89 -6.07 10.21 -24.28
CA GLY C 89 -6.37 10.09 -25.69
C GLY C 89 -7.03 8.74 -25.88
N TYR C 90 -7.14 8.29 -27.11
CA TYR C 90 -7.79 7.03 -27.40
C TYR C 90 -6.99 5.84 -26.94
N ARG C 91 -7.71 4.80 -26.54
CA ARG C 91 -7.07 3.58 -26.12
C ARG C 91 -6.39 2.97 -27.33
N GLN C 92 -5.26 2.33 -27.07
CA GLN C 92 -4.44 1.68 -28.08
C GLN C 92 -3.69 0.70 -27.21
N GLY C 93 -4.18 -0.54 -27.18
CA GLY C 93 -3.60 -1.52 -26.31
C GLY C 93 -3.80 -0.96 -24.91
N GLN C 94 -2.73 -0.99 -24.11
CA GLN C 94 -2.77 -0.49 -22.74
C GLN C 94 -2.26 0.95 -22.70
N SER C 95 -1.95 1.51 -23.86
CA SER C 95 -1.44 2.88 -23.91
C SER C 95 -2.39 3.82 -24.62
N VAL C 96 -2.03 5.09 -24.66
CA VAL C 96 -2.84 6.11 -25.33
C VAL C 96 -2.23 6.42 -26.70
N SER C 97 -3.09 6.72 -27.67
CA SER C 97 -2.61 7.06 -29.00
C SER C 97 -2.22 8.53 -29.00
N THR C 98 -1.24 8.88 -29.83
CA THR C 98 -0.79 10.26 -29.92
C THR C 98 -1.67 11.04 -30.90
N ASN C 99 -2.47 10.32 -31.68
CA ASN C 99 -3.36 10.95 -32.65
C ASN C 99 -4.22 11.98 -31.95
N THR C 100 -4.64 13.01 -32.68
CA THR C 100 -5.51 14.01 -32.06
C THR C 100 -6.93 13.52 -32.22
N VAL C 101 -7.79 13.96 -31.31
CA VAL C 101 -9.19 13.56 -31.32
C VAL C 101 -9.98 14.27 -32.42
N THR C 102 -10.39 13.54 -33.45
CA THR C 102 -11.17 14.14 -34.52
C THR C 102 -12.67 13.93 -34.32
N ASN C 103 -13.04 13.18 -33.28
CA ASN C 103 -14.45 12.94 -32.98
C ASN C 103 -14.81 13.31 -31.55
N GLY C 104 -14.17 14.36 -31.05
CA GLY C 104 -14.38 14.83 -29.68
C GLY C 104 -15.83 15.10 -29.28
N LEU C 105 -16.58 15.74 -30.16
CA LEU C 105 -17.96 16.04 -29.84
C LEU C 105 -18.73 14.78 -29.49
N GLY C 106 -18.33 13.66 -30.10
CA GLY C 106 -19.02 12.40 -29.83
C GLY C 106 -18.92 11.98 -28.37
N PHE C 107 -17.94 12.53 -27.67
CA PHE C 107 -17.71 12.24 -26.26
C PHE C 107 -18.13 13.39 -25.35
N MET C 108 -18.63 14.49 -25.90
CA MET C 108 -19.04 15.61 -25.05
C MET C 108 -20.48 15.56 -24.58
N PRO C 109 -20.73 16.06 -23.35
CA PRO C 109 -22.08 16.08 -22.78
C PRO C 109 -22.91 17.05 -23.65
N ASN C 110 -24.13 16.65 -23.96
CA ASN C 110 -25.02 17.44 -24.80
C ASN C 110 -25.34 18.80 -24.17
N VAL C 111 -25.05 19.90 -24.86
CA VAL C 111 -25.30 21.24 -24.31
C VAL C 111 -26.77 21.58 -24.31
N SER C 112 -27.50 20.98 -25.23
CA SER C 112 -28.93 21.19 -25.32
C SER C 112 -29.56 20.42 -24.15
N ALA C 113 -29.02 19.23 -23.89
CA ALA C 113 -29.52 18.37 -22.82
C ALA C 113 -28.94 18.83 -21.49
N TYR C 114 -27.79 19.50 -21.53
CA TYR C 114 -27.11 19.97 -20.34
C TYR C 114 -26.56 21.37 -20.66
N PRO C 115 -27.37 22.42 -20.47
CA PRO C 115 -27.03 23.82 -20.74
C PRO C 115 -25.84 24.37 -19.95
N ARG C 116 -25.17 25.37 -20.53
CA ARG C 116 -24.03 26.00 -19.88
C ARG C 116 -24.47 26.83 -18.67
N PRO C 117 -25.53 27.62 -18.81
CA PRO C 117 -26.02 28.43 -17.69
C PRO C 117 -26.70 27.61 -16.57
N ASN C 118 -27.52 26.64 -16.97
CA ASN C 118 -28.27 25.78 -16.05
C ASN C 118 -27.47 24.66 -15.39
N ALA C 119 -26.32 25.00 -14.82
CA ALA C 119 -25.48 24.02 -14.16
C ALA C 119 -26.07 23.52 -12.84
N SER C 120 -26.84 24.37 -12.17
CA SER C 120 -27.45 23.99 -10.89
C SER C 120 -28.70 23.17 -11.12
N GLU C 121 -29.14 23.10 -12.37
CA GLU C 121 -30.34 22.34 -12.68
C GLU C 121 -30.13 20.84 -12.53
N ALA C 122 -30.93 20.24 -11.67
CA ALA C 122 -30.85 18.81 -11.38
C ALA C 122 -30.51 17.96 -12.60
N LYS C 123 -31.07 18.28 -13.77
CA LYS C 123 -30.80 17.48 -14.98
C LYS C 123 -29.33 17.44 -15.36
N SER C 124 -28.67 18.59 -15.24
CA SER C 124 -27.26 18.66 -15.57
C SER C 124 -26.45 17.90 -14.53
N GLN C 125 -27.09 16.96 -13.85
CA GLN C 125 -26.37 16.24 -12.81
C GLN C 125 -26.77 14.78 -12.64
N MET C 126 -25.79 13.96 -12.32
CA MET C 126 -26.06 12.57 -12.06
C MET C 126 -25.44 12.41 -10.67
N VAL C 127 -26.28 12.15 -9.67
CA VAL C 127 -25.84 12.02 -8.29
C VAL C 127 -26.18 10.66 -7.69
N SER C 128 -25.41 10.27 -6.68
CA SER C 128 -25.62 9.00 -6.04
C SER C 128 -25.00 8.90 -4.67
N LEU C 129 -24.97 7.69 -4.15
CA LEU C 129 -24.42 7.41 -2.85
C LEU C 129 -23.34 6.35 -3.03
N THR C 130 -22.08 6.74 -2.86
CA THR C 130 -20.99 5.79 -3.00
C THR C 130 -20.31 5.65 -1.64
N TYR C 131 -19.22 4.90 -1.57
CA TYR C 131 -18.53 4.67 -0.30
C TYR C 131 -17.03 4.93 -0.34
N LEU C 132 -16.52 5.61 0.69
CA LEU C 132 -15.09 5.93 0.75
C LEU C 132 -14.25 4.67 0.85
N GLN C 133 -13.22 4.59 0.00
CA GLN C 133 -12.30 3.46 -0.02
C GLN C 133 -13.01 2.14 -0.34
N GLY C 134 -14.26 2.23 -0.75
CA GLY C 134 -14.99 1.01 -1.05
C GLY C 134 -15.53 0.35 0.20
N ASP C 135 -15.65 1.13 1.28
CA ASP C 135 -16.16 0.62 2.55
C ASP C 135 -17.64 0.97 2.71
N THR C 136 -18.48 -0.07 2.73
CA THR C 136 -19.94 0.07 2.85
C THR C 136 -20.38 0.76 4.16
N SER C 137 -19.48 0.83 5.13
CA SER C 137 -19.80 1.48 6.40
C SER C 137 -19.41 2.96 6.36
N LYS C 138 -18.84 3.39 5.24
CA LYS C 138 -18.41 4.77 5.09
C LYS C 138 -19.04 5.38 3.84
N PRO C 139 -20.35 5.62 3.88
CA PRO C 139 -21.07 6.20 2.74
C PRO C 139 -20.71 7.65 2.49
N ILE C 140 -20.53 8.01 1.21
CA ILE C 140 -20.23 9.38 0.79
C ILE C 140 -20.98 9.65 -0.52
N THR C 141 -21.38 10.89 -0.74
CA THR C 141 -22.11 11.22 -1.96
C THR C 141 -21.19 11.66 -3.07
N MET C 142 -21.57 11.32 -4.29
CA MET C 142 -20.81 11.73 -5.48
C MET C 142 -21.80 12.45 -6.38
N LYS C 143 -21.32 13.51 -7.05
CA LYS C 143 -22.13 14.28 -7.99
C LYS C 143 -21.33 14.61 -9.24
N VAL C 144 -21.76 14.05 -10.37
CA VAL C 144 -21.13 14.31 -11.66
C VAL C 144 -22.00 15.39 -12.30
N ALA C 145 -21.41 16.49 -12.74
CA ALA C 145 -22.17 17.57 -13.37
C ALA C 145 -21.65 17.73 -14.79
N PHE C 146 -22.54 18.09 -15.70
CA PHE C 146 -22.16 18.24 -17.11
C PHE C 146 -22.32 19.69 -17.61
N ASN C 147 -21.24 20.26 -18.11
CA ASN C 147 -21.23 21.63 -18.65
C ASN C 147 -21.45 22.78 -17.65
N GLY C 148 -20.95 22.65 -16.43
CA GLY C 148 -21.10 23.71 -15.45
C GLY C 148 -19.84 24.53 -15.19
N ILE C 149 -18.77 24.24 -15.91
CA ILE C 149 -17.53 24.97 -15.75
C ILE C 149 -16.93 25.13 -17.15
N THR C 150 -17.76 25.54 -18.11
CA THR C 150 -17.31 25.69 -19.50
C THR C 150 -16.97 27.12 -19.89
N SER C 151 -16.64 27.30 -21.16
CA SER C 151 -16.30 28.60 -21.72
C SER C 151 -16.99 28.86 -23.06
N LEU C 152 -18.29 29.14 -23.00
CA LEU C 152 -19.09 29.43 -24.19
C LEU C 152 -19.07 28.40 -25.33
N ASN C 153 -17.88 28.01 -25.76
CA ASN C 153 -17.76 27.03 -26.83
C ASN C 153 -17.35 25.69 -26.25
N GLY C 154 -16.88 25.73 -25.01
CA GLY C 154 -16.40 24.53 -24.36
C GLY C 154 -17.40 23.57 -23.75
N TYR C 155 -16.86 22.54 -23.13
CA TYR C 155 -17.63 21.49 -22.49
C TYR C 155 -16.88 21.04 -21.23
N SER C 156 -17.59 20.46 -20.27
CA SER C 156 -16.88 20.03 -19.07
C SER C 156 -17.53 18.89 -18.31
N LEU C 157 -16.73 18.25 -17.46
CA LEU C 157 -17.16 17.16 -16.59
C LEU C 157 -16.62 17.55 -15.22
N THR C 158 -17.43 17.37 -14.19
CA THR C 158 -17.02 17.73 -12.84
C THR C 158 -17.39 16.63 -11.85
N PHE C 159 -16.41 16.17 -11.07
CA PHE C 159 -16.68 15.13 -10.08
C PHE C 159 -16.50 15.68 -8.68
N MET C 160 -17.57 15.64 -7.89
CA MET C 160 -17.55 16.14 -6.52
C MET C 160 -17.97 15.07 -5.51
N TRP C 161 -17.11 14.84 -4.54
CA TRP C 161 -17.39 13.88 -3.51
C TRP C 161 -17.53 14.64 -2.19
N SER C 162 -18.69 14.53 -1.55
CA SER C 162 -18.93 15.26 -0.32
C SER C 162 -19.31 14.41 0.87
N GLY C 163 -19.50 15.06 2.02
CA GLY C 163 -19.86 14.35 3.22
C GLY C 163 -18.64 13.66 3.79
N LEU C 164 -17.47 14.15 3.37
CA LEU C 164 -16.20 13.60 3.78
C LEU C 164 -15.82 14.06 5.18
N SER C 165 -16.30 15.23 5.56
CA SER C 165 -15.99 15.81 6.86
C SER C 165 -15.99 14.84 8.03
N ASN C 166 -16.76 13.75 7.93
CA ASN C 166 -16.81 12.78 9.03
C ASN C 166 -15.87 11.57 8.90
N TYR C 167 -14.66 11.84 8.38
CA TYR C 167 -13.63 10.81 8.20
C TYR C 167 -12.29 11.53 8.34
N ILE C 168 -12.14 12.29 9.42
CA ILE C 168 -10.92 13.06 9.66
C ILE C 168 -9.69 12.17 9.77
N ASN C 169 -8.62 12.59 9.10
CA ASN C 169 -7.34 11.89 9.09
C ASN C 169 -7.29 10.58 8.34
N GLN C 170 -8.39 10.21 7.71
CA GLN C 170 -8.44 8.99 6.90
C GLN C 170 -7.96 9.42 5.51
N PRO C 171 -7.45 8.48 4.70
CA PRO C 171 -6.96 8.74 3.34
C PRO C 171 -8.13 8.81 2.33
N PHE C 172 -8.06 9.71 1.34
CA PHE C 172 -9.16 9.86 0.37
C PHE C 172 -9.00 9.02 -0.89
N SER C 173 -9.69 7.90 -0.92
CA SER C 173 -9.65 7.01 -2.06
C SER C 173 -11.07 6.57 -2.38
N THR C 174 -11.52 6.84 -3.61
CA THR C 174 -12.86 6.47 -4.05
C THR C 174 -12.82 5.11 -4.75
N PRO C 175 -13.97 4.44 -4.83
CA PRO C 175 -14.07 3.13 -5.48
C PRO C 175 -14.20 3.45 -6.96
N SER C 176 -14.30 2.42 -7.80
CA SER C 176 -14.47 2.68 -9.21
C SER C 176 -15.90 3.14 -9.37
N CYS C 177 -16.07 4.38 -9.83
CA CYS C 177 -17.41 4.93 -9.97
C CYS C 177 -17.89 5.06 -11.38
N SER C 178 -19.06 4.46 -11.63
CA SER C 178 -19.69 4.46 -12.94
C SER C 178 -20.59 5.68 -13.14
N PHE C 179 -20.76 6.08 -14.39
CA PHE C 179 -21.58 7.24 -14.73
C PHE C 179 -21.77 7.28 -16.24
N SER C 180 -22.60 8.20 -16.70
CA SER C 180 -22.88 8.33 -18.12
C SER C 180 -23.65 9.61 -18.42
N TYR C 181 -23.85 9.90 -19.71
CA TYR C 181 -24.57 11.10 -20.11
C TYR C 181 -24.89 11.13 -21.61
N ILE C 182 -25.87 11.94 -21.99
CA ILE C 182 -26.25 12.07 -23.40
C ILE C 182 -25.17 12.90 -24.08
N THR C 183 -24.54 12.36 -25.13
CA THR C 183 -23.47 13.06 -25.82
C THR C 183 -23.96 14.16 -26.73
N GLN C 184 -23.06 15.09 -27.05
CA GLN C 184 -23.36 16.24 -27.90
C GLN C 184 -23.67 15.81 -29.32
N GLU C 185 -22.74 15.07 -29.90
CA GLU C 185 -22.86 14.61 -31.26
C GLU C 185 -22.71 13.09 -31.33
N THR D 1 13.16 -16.98 -7.91
CA THR D 1 13.46 -18.13 -7.01
C THR D 1 12.70 -18.03 -5.69
N PRO D 2 12.29 -19.18 -5.12
CA PRO D 2 11.56 -19.28 -3.86
C PRO D 2 12.32 -18.72 -2.66
N TYR D 3 13.55 -19.20 -2.47
CA TYR D 3 14.38 -18.78 -1.35
C TYR D 3 15.12 -17.47 -1.60
N ASP D 4 15.99 -17.10 -0.66
CA ASP D 4 16.83 -15.91 -0.73
C ASP D 4 18.28 -16.31 -0.46
N PRO D 5 19.11 -16.34 -1.50
CA PRO D 5 20.52 -16.71 -1.36
C PRO D 5 21.29 -15.71 -0.50
N LEU D 6 20.64 -14.60 -0.16
CA LEU D 6 21.26 -13.57 0.66
C LEU D 6 21.00 -13.73 2.15
N THR D 7 20.24 -14.73 2.54
CA THR D 7 19.97 -14.90 3.95
C THR D 7 20.05 -16.34 4.42
N LEU D 8 20.94 -16.59 5.38
CA LEU D 8 21.07 -17.94 5.91
C LEU D 8 20.68 -17.88 7.37
N TRP D 9 19.76 -18.75 7.80
CA TRP D 9 19.37 -18.75 9.20
C TRP D 9 19.00 -20.10 9.79
N THR D 10 18.42 -20.06 10.98
CA THR D 10 18.01 -21.24 11.72
C THR D 10 16.49 -21.35 11.69
N THR D 11 15.86 -20.36 11.07
CA THR D 11 14.40 -20.20 10.95
C THR D 11 14.07 -19.22 12.08
N PRO D 12 13.00 -18.43 11.96
CA PRO D 12 12.68 -17.48 13.02
C PRO D 12 12.48 -18.09 14.41
N ASP D 13 12.01 -19.33 14.46
CA ASP D 13 11.77 -19.97 15.75
C ASP D 13 12.14 -21.45 15.87
N PRO D 14 13.44 -21.75 15.95
CA PRO D 14 13.95 -23.12 16.08
C PRO D 14 13.74 -23.72 17.47
N PRO D 15 13.43 -25.02 17.54
CA PRO D 15 13.22 -25.72 18.80
C PRO D 15 14.55 -25.76 19.52
N PRO D 16 14.65 -26.49 20.64
CA PRO D 16 15.97 -26.51 21.28
C PRO D 16 16.90 -27.02 20.19
N ASN D 17 18.11 -26.51 20.11
CA ASN D 17 19.00 -26.93 19.04
C ASN D 17 20.46 -27.02 19.42
N CYS D 18 20.75 -26.91 20.71
CA CYS D 18 22.12 -26.97 21.17
C CYS D 18 22.30 -27.82 22.40
N SER D 19 23.36 -28.62 22.38
CA SER D 19 23.68 -29.44 23.52
C SER D 19 24.93 -28.79 24.13
N LEU D 20 24.79 -27.49 24.40
CA LEU D 20 25.88 -26.72 24.99
C LEU D 20 26.39 -27.48 26.20
N ILE D 21 25.62 -27.44 27.28
CA ILE D 21 25.99 -28.16 28.48
C ILE D 21 25.48 -29.58 28.35
N GLN D 22 24.19 -29.76 28.67
CA GLN D 22 23.58 -31.08 28.61
C GLN D 22 22.72 -31.20 27.35
N GLU D 23 22.24 -32.42 27.11
CA GLU D 23 21.38 -32.75 25.97
C GLU D 23 20.38 -31.65 25.65
N LEU D 24 20.33 -31.24 24.38
CA LEU D 24 19.41 -30.21 23.92
C LEU D 24 18.94 -29.26 25.01
N ASP D 25 19.76 -28.28 25.40
CA ASP D 25 19.31 -27.40 26.46
C ASP D 25 19.11 -25.92 26.12
N ALA D 26 19.32 -25.55 24.85
CA ALA D 26 19.14 -24.16 24.45
C ALA D 26 18.55 -24.02 23.06
N LYS D 27 18.06 -22.81 22.75
CA LYS D 27 17.49 -22.51 21.44
C LYS D 27 18.25 -21.37 20.76
N LEU D 28 19.15 -21.74 19.85
CA LEU D 28 19.97 -20.77 19.11
C LEU D 28 19.30 -20.24 17.84
N THR D 29 18.84 -19.00 17.88
CA THR D 29 18.23 -18.40 16.70
C THR D 29 19.24 -17.43 16.09
N LEU D 30 19.78 -17.79 14.93
CA LEU D 30 20.77 -16.97 14.25
C LEU D 30 20.36 -16.57 12.85
N CYS D 31 20.66 -15.32 12.50
CA CYS D 31 20.36 -14.80 11.17
C CYS D 31 21.53 -13.97 10.64
N LEU D 32 21.80 -14.08 9.35
CA LEU D 32 22.92 -13.39 8.73
C LEU D 32 22.50 -12.84 7.39
N THR D 33 22.70 -11.55 7.16
CA THR D 33 22.35 -10.93 5.90
C THR D 33 23.55 -10.26 5.24
N LYS D 34 23.76 -10.58 3.97
CA LYS D 34 24.88 -10.02 3.23
C LYS D 34 24.55 -8.79 2.44
N ASN D 35 25.10 -7.64 2.83
CA ASN D 35 24.90 -6.41 2.09
C ASN D 35 26.23 -6.04 1.46
N GLY D 36 26.62 -6.78 0.43
CA GLY D 36 27.88 -6.50 -0.24
C GLY D 36 29.07 -7.01 0.52
N SER D 37 29.94 -6.09 0.95
CA SER D 37 31.14 -6.46 1.68
C SER D 37 31.00 -6.53 3.23
N ILE D 38 29.77 -6.44 3.71
CA ILE D 38 29.52 -6.48 5.15
C ILE D 38 28.28 -7.27 5.44
N VAL D 39 28.35 -8.10 6.47
CA VAL D 39 27.20 -8.88 6.90
C VAL D 39 26.55 -8.26 8.12
N ASN D 40 25.22 -8.29 8.14
CA ASN D 40 24.43 -7.82 9.26
C ASN D 40 23.80 -9.06 9.88
N GLY D 41 24.15 -9.34 11.13
CA GLY D 41 23.62 -10.51 11.80
C GLY D 41 22.94 -10.14 13.09
N ILE D 42 22.06 -11.01 13.56
CA ILE D 42 21.31 -10.83 14.80
C ILE D 42 21.25 -12.22 15.42
N VAL D 43 21.59 -12.30 16.71
CA VAL D 43 21.66 -13.55 17.44
C VAL D 43 20.80 -13.52 18.69
N SER D 44 20.61 -14.69 19.29
CA SER D 44 19.79 -14.82 20.49
C SER D 44 19.95 -16.26 21.02
N LEU D 45 20.22 -16.40 22.31
CA LEU D 45 20.36 -17.73 22.89
C LEU D 45 19.61 -17.82 24.22
N VAL D 46 18.75 -18.83 24.35
CA VAL D 46 17.98 -19.02 25.57
C VAL D 46 18.04 -20.47 26.06
N GLY D 47 18.38 -20.62 27.35
CA GLY D 47 18.46 -21.95 27.94
C GLY D 47 17.11 -22.48 28.38
N VAL D 48 16.87 -23.78 28.13
CA VAL D 48 15.62 -24.44 28.51
C VAL D 48 15.88 -25.61 29.46
N LYS D 49 15.66 -26.85 29.01
CA LYS D 49 15.90 -28.00 29.87
C LYS D 49 17.38 -28.10 30.17
N GLY D 50 17.85 -27.38 31.20
CA GLY D 50 19.26 -27.41 31.53
C GLY D 50 19.67 -26.53 32.68
N ASN D 51 20.95 -26.62 33.06
CA ASN D 51 21.53 -25.82 34.15
C ASN D 51 21.65 -24.36 33.75
N LEU D 52 21.26 -24.06 32.52
CA LEU D 52 21.30 -22.70 32.00
C LEU D 52 20.14 -21.89 32.58
N LEU D 53 19.36 -22.52 33.46
CA LEU D 53 18.23 -21.85 34.10
C LEU D 53 18.71 -21.26 35.42
N ASN D 54 19.68 -21.93 36.03
CA ASN D 54 20.26 -21.47 37.27
C ASN D 54 21.76 -21.34 37.05
N ILE D 55 22.20 -20.11 36.85
CA ILE D 55 23.60 -19.79 36.62
C ILE D 55 24.39 -20.02 37.90
N GLN D 56 25.47 -20.78 37.78
CA GLN D 56 26.31 -21.12 38.92
C GLN D 56 27.31 -20.01 39.25
N SER D 57 27.82 -20.07 40.47
CA SER D 57 28.79 -19.08 40.96
C SER D 57 30.12 -19.11 40.21
N THR D 58 30.35 -20.15 39.42
CA THR D 58 31.59 -20.26 38.66
C THR D 58 31.31 -19.95 37.20
N THR D 59 30.04 -20.01 36.81
CA THR D 59 29.65 -19.70 35.44
C THR D 59 29.80 -18.21 35.21
N THR D 60 30.81 -17.83 34.43
CA THR D 60 31.07 -16.43 34.11
C THR D 60 30.63 -16.16 32.67
N THR D 61 30.85 -17.16 31.81
CA THR D 61 30.53 -17.10 30.39
C THR D 61 29.71 -18.30 29.92
N VAL D 62 28.82 -18.05 28.96
CA VAL D 62 28.02 -19.08 28.29
C VAL D 62 28.11 -18.67 26.82
N GLY D 63 28.30 -19.63 25.92
CA GLY D 63 28.42 -19.27 24.53
C GLY D 63 28.21 -20.40 23.55
N VAL D 64 28.55 -20.14 22.28
CA VAL D 64 28.39 -21.12 21.23
C VAL D 64 29.31 -20.82 20.05
N HIS D 65 29.58 -21.84 19.24
CA HIS D 65 30.43 -21.67 18.08
C HIS D 65 29.69 -22.20 16.84
N LEU D 66 30.27 -21.95 15.69
CA LEU D 66 29.78 -22.43 14.41
C LEU D 66 31.05 -22.54 13.55
N VAL D 67 31.34 -23.73 13.05
CA VAL D 67 32.51 -23.92 12.22
C VAL D 67 32.09 -24.24 10.79
N PHE D 68 32.78 -23.64 9.82
CA PHE D 68 32.49 -23.86 8.41
C PHE D 68 33.75 -24.30 7.67
N ASP D 69 33.56 -24.83 6.46
CA ASP D 69 34.67 -25.28 5.64
C ASP D 69 35.10 -24.21 4.65
N GLU D 70 36.16 -24.49 3.89
CA GLU D 70 36.66 -23.53 2.92
C GLU D 70 35.65 -23.13 1.84
N GLN D 71 34.39 -23.51 2.05
CA GLN D 71 33.31 -23.17 1.12
C GLN D 71 32.20 -22.47 1.89
N GLY D 72 32.39 -22.32 3.19
CA GLY D 72 31.39 -21.67 4.00
C GLY D 72 30.23 -22.58 4.38
N ARG D 73 30.40 -23.87 4.17
CA ARG D 73 29.34 -24.80 4.55
C ARG D 73 29.52 -25.05 6.03
N LEU D 74 28.42 -25.06 6.77
CA LEU D 74 28.48 -25.32 8.20
C LEU D 74 29.00 -26.72 8.42
N ILE D 75 29.73 -26.91 9.50
CA ILE D 75 30.26 -28.23 9.84
C ILE D 75 29.50 -28.56 11.12
N THR D 76 28.68 -29.61 11.07
CA THR D 76 27.87 -30.00 12.23
C THR D 76 28.49 -31.01 13.18
N SER D 77 29.31 -30.52 14.10
CA SER D 77 29.97 -31.36 15.10
C SER D 77 30.93 -30.54 15.95
N THR D 78 31.10 -30.97 17.20
CA THR D 78 31.98 -30.30 18.16
C THR D 78 33.14 -29.59 17.47
N PRO D 79 33.35 -28.31 17.78
CA PRO D 79 32.59 -27.45 18.70
C PRO D 79 31.35 -26.83 18.09
N THR D 80 30.87 -27.37 16.98
CA THR D 80 29.68 -26.83 16.34
C THR D 80 28.47 -26.85 17.26
N ALA D 81 28.09 -25.67 17.76
CA ALA D 81 26.95 -25.53 18.66
C ALA D 81 25.70 -26.23 18.14
N LEU D 82 25.27 -25.88 16.93
CA LEU D 82 24.11 -26.50 16.32
C LEU D 82 24.31 -28.00 16.23
N VAL D 83 23.23 -28.76 16.45
CA VAL D 83 23.27 -30.21 16.36
C VAL D 83 23.07 -30.60 14.90
N PRO D 84 23.50 -31.81 14.51
CA PRO D 84 23.36 -32.28 13.14
C PRO D 84 22.00 -32.08 12.48
N GLN D 85 20.94 -32.30 13.25
CA GLN D 85 19.59 -32.15 12.75
C GLN D 85 19.09 -30.71 12.80
N ALA D 86 19.88 -29.83 13.38
CA ALA D 86 19.50 -28.42 13.46
C ALA D 86 19.19 -27.88 12.08
N SER D 87 18.31 -26.90 11.99
CA SER D 87 18.00 -26.29 10.70
C SER D 87 18.99 -25.17 10.45
N TRP D 88 19.59 -25.16 9.26
CA TRP D 88 20.53 -24.13 8.89
C TRP D 88 20.78 -24.14 7.38
N GLY D 89 20.42 -23.03 6.74
CA GLY D 89 20.58 -22.88 5.31
C GLY D 89 19.88 -21.61 4.87
N TYR D 90 19.61 -21.46 3.57
CA TYR D 90 18.96 -20.26 3.05
C TYR D 90 17.54 -20.12 3.57
N ARG D 91 16.91 -18.99 3.25
CA ARG D 91 15.55 -18.76 3.72
C ARG D 91 14.45 -18.94 2.67
N GLN D 92 13.47 -19.78 3.00
CA GLN D 92 12.33 -19.99 2.12
C GLN D 92 11.14 -19.81 3.04
N GLY D 93 10.49 -18.65 2.94
CA GLY D 93 9.36 -18.37 3.79
C GLY D 93 9.84 -18.28 5.23
N GLN D 94 9.27 -19.11 6.10
CA GLN D 94 9.68 -19.10 7.49
C GLN D 94 10.59 -20.29 7.77
N SER D 95 11.10 -20.90 6.69
CA SER D 95 11.98 -22.06 6.83
C SER D 95 13.28 -22.02 6.02
N VAL D 96 13.99 -23.15 6.02
CA VAL D 96 15.24 -23.29 5.30
C VAL D 96 15.06 -23.99 3.96
N SER D 97 15.40 -23.31 2.88
CA SER D 97 15.29 -23.87 1.53
C SER D 97 16.12 -25.15 1.48
N THR D 98 15.60 -26.16 0.80
CA THR D 98 16.27 -27.46 0.67
C THR D 98 17.62 -27.40 -0.02
N ASN D 99 17.81 -26.40 -0.88
CA ASN D 99 19.06 -26.21 -1.62
C ASN D 99 20.23 -26.04 -0.65
N THR D 100 21.28 -26.82 -0.83
CA THR D 100 22.43 -26.72 0.08
C THR D 100 23.19 -25.42 -0.15
N VAL D 101 24.07 -25.11 0.80
CA VAL D 101 24.87 -23.90 0.71
C VAL D 101 26.03 -24.13 -0.24
N THR D 102 26.14 -23.24 -1.22
CA THR D 102 27.19 -23.28 -2.22
C THR D 102 28.00 -22.00 -2.05
N ASN D 103 27.33 -20.86 -2.18
CA ASN D 103 27.97 -19.56 -2.03
C ASN D 103 28.14 -19.23 -0.54
N GLY D 104 28.95 -20.02 0.15
CA GLY D 104 29.18 -19.82 1.57
C GLY D 104 30.20 -18.75 1.93
N LEU D 105 31.20 -18.57 1.07
CA LEU D 105 32.23 -17.57 1.32
C LEU D 105 31.71 -16.12 1.24
N GLY D 106 30.51 -15.95 0.69
CA GLY D 106 29.95 -14.62 0.63
C GLY D 106 29.49 -14.23 2.03
N PHE D 107 29.18 -15.23 2.85
CA PHE D 107 28.73 -15.01 4.23
C PHE D 107 29.83 -15.22 5.26
N MET D 108 31.04 -15.54 4.81
CA MET D 108 32.13 -15.79 5.74
C MET D 108 33.02 -14.60 6.14
N PRO D 109 33.54 -14.64 7.36
CA PRO D 109 34.42 -13.62 7.95
C PRO D 109 35.75 -13.57 7.20
N ASN D 110 36.08 -12.39 6.67
CA ASN D 110 37.29 -12.13 5.92
C ASN D 110 38.57 -12.59 6.64
N VAL D 111 39.32 -13.53 6.05
CA VAL D 111 40.53 -14.02 6.70
C VAL D 111 41.69 -13.05 6.73
N SER D 112 41.63 -11.99 5.93
CA SER D 112 42.70 -11.00 5.96
C SER D 112 42.38 -10.07 7.14
N ALA D 113 41.10 -9.70 7.25
CA ALA D 113 40.61 -8.84 8.32
C ALA D 113 40.74 -9.57 9.64
N TYR D 114 40.32 -10.83 9.59
CA TYR D 114 40.32 -11.71 10.76
C TYR D 114 41.10 -12.99 10.48
N PRO D 115 42.44 -12.89 10.57
CA PRO D 115 43.33 -14.03 10.33
C PRO D 115 43.04 -15.21 11.27
N ARG D 116 43.15 -16.43 10.75
CA ARG D 116 42.87 -17.63 11.53
C ARG D 116 43.73 -17.72 12.80
N PRO D 117 45.06 -17.55 12.67
CA PRO D 117 45.94 -17.61 13.82
C PRO D 117 45.68 -16.53 14.86
N ASN D 118 45.28 -15.34 14.38
CA ASN D 118 45.02 -14.19 15.24
C ASN D 118 43.53 -13.96 15.55
N ALA D 119 43.04 -14.56 16.63
CA ALA D 119 41.63 -14.40 17.01
C ALA D 119 41.54 -13.68 18.35
N SER D 120 42.67 -13.59 19.05
CA SER D 120 42.73 -12.93 20.34
C SER D 120 43.09 -11.48 20.05
N GLU D 121 43.14 -11.14 18.77
CA GLU D 121 43.45 -9.80 18.32
C GLU D 121 42.19 -8.98 18.48
N ALA D 122 42.32 -7.84 19.17
CA ALA D 122 41.18 -6.97 19.42
C ALA D 122 40.29 -6.82 18.18
N LYS D 123 40.92 -6.63 17.03
CA LYS D 123 40.22 -6.49 15.76
C LYS D 123 39.37 -7.71 15.38
N SER D 124 39.79 -8.90 15.80
CA SER D 124 39.04 -10.14 15.50
C SER D 124 37.79 -10.23 16.34
N GLN D 125 37.59 -9.23 17.17
CA GLN D 125 36.41 -9.20 18.02
C GLN D 125 35.54 -8.00 17.74
N MET D 126 34.30 -8.11 18.17
CA MET D 126 33.33 -7.03 18.09
C MET D 126 32.57 -7.31 19.36
N VAL D 127 32.82 -6.49 20.37
CA VAL D 127 32.21 -6.65 21.68
C VAL D 127 31.21 -5.55 21.99
N SER D 128 30.26 -5.85 22.88
CA SER D 128 29.23 -4.87 23.26
C SER D 128 28.54 -5.23 24.58
N LEU D 129 27.76 -4.27 25.09
CA LEU D 129 27.04 -4.44 26.35
C LEU D 129 25.57 -4.70 26.04
N THR D 130 25.03 -5.81 26.55
CA THR D 130 23.63 -6.17 26.33
C THR D 130 23.06 -6.68 27.65
N TYR D 131 21.74 -6.73 27.78
CA TYR D 131 21.17 -7.14 29.06
C TYR D 131 20.46 -8.50 29.17
N LEU D 132 20.92 -9.28 30.14
CA LEU D 132 20.37 -10.60 30.42
C LEU D 132 18.86 -10.50 30.58
N GLN D 133 18.14 -11.42 29.97
CA GLN D 133 16.69 -11.41 30.10
C GLN D 133 16.08 -10.10 29.56
N GLY D 134 16.93 -9.24 29.00
CA GLY D 134 16.44 -7.98 28.47
C GLY D 134 16.15 -6.97 29.58
N ASP D 135 16.60 -7.31 30.79
CA ASP D 135 16.41 -6.47 31.97
C ASP D 135 17.51 -5.41 32.00
N THR D 136 17.14 -4.13 32.00
CA THR D 136 18.13 -3.06 32.03
C THR D 136 18.96 -2.97 33.31
N SER D 137 18.64 -3.79 34.30
CA SER D 137 19.40 -3.75 35.53
C SER D 137 20.44 -4.87 35.51
N LYS D 138 20.39 -5.71 34.48
CA LYS D 138 21.29 -6.84 34.37
C LYS D 138 22.28 -6.75 33.18
N PRO D 139 23.22 -5.79 33.24
CA PRO D 139 24.22 -5.59 32.18
C PRO D 139 25.15 -6.78 32.07
N ILE D 140 25.46 -7.19 30.84
CA ILE D 140 26.35 -8.31 30.59
C ILE D 140 27.12 -7.97 29.31
N THR D 141 28.00 -8.85 28.84
CA THR D 141 28.74 -8.51 27.63
C THR D 141 28.81 -9.59 26.58
N MET D 142 28.42 -9.24 25.35
CA MET D 142 28.51 -10.19 24.24
C MET D 142 29.75 -9.91 23.41
N LYS D 143 30.55 -10.96 23.23
CA LYS D 143 31.75 -10.87 22.41
C LYS D 143 31.50 -11.76 21.21
N VAL D 144 32.00 -11.35 20.06
CA VAL D 144 31.82 -12.13 18.86
C VAL D 144 33.20 -12.28 18.26
N ALA D 145 33.62 -13.51 18.01
CA ALA D 145 34.94 -13.69 17.44
C ALA D 145 34.84 -14.32 16.05
N PHE D 146 35.69 -13.84 15.15
CA PHE D 146 35.70 -14.34 13.79
C PHE D 146 36.92 -15.26 13.61
N ASN D 147 36.74 -16.32 12.83
CA ASN D 147 37.79 -17.30 12.55
C ASN D 147 38.65 -17.62 13.77
N GLY D 148 38.03 -17.69 14.94
CA GLY D 148 38.79 -17.97 16.15
C GLY D 148 38.95 -19.44 16.44
N ILE D 149 38.28 -20.28 15.66
CA ILE D 149 38.36 -21.71 15.87
C ILE D 149 38.02 -22.45 14.56
N THR D 150 38.94 -22.40 13.60
CA THR D 150 38.76 -23.02 12.29
C THR D 150 39.75 -24.16 12.05
N SER D 151 39.85 -24.59 10.79
CA SER D 151 40.75 -25.69 10.43
C SER D 151 41.60 -25.45 9.17
N LEU D 152 42.54 -24.52 9.27
CA LEU D 152 43.45 -24.19 8.18
C LEU D 152 42.82 -23.51 6.96
N ASN D 153 41.68 -24.04 6.50
CA ASN D 153 40.99 -23.46 5.34
C ASN D 153 39.61 -22.94 5.72
N GLY D 154 39.13 -23.34 6.89
CA GLY D 154 37.81 -22.96 7.34
C GLY D 154 37.62 -21.58 7.94
N TYR D 155 36.38 -21.33 8.37
CA TYR D 155 35.99 -20.06 8.97
C TYR D 155 35.11 -20.35 10.17
N SER D 156 34.84 -19.34 10.99
CA SER D 156 33.98 -19.56 12.15
C SER D 156 33.37 -18.28 12.77
N LEU D 157 32.57 -18.48 13.79
CA LEU D 157 31.91 -17.40 14.52
C LEU D 157 31.72 -17.95 15.93
N THR D 158 32.04 -17.14 16.93
CA THR D 158 31.93 -17.56 18.31
C THR D 158 31.27 -16.45 19.09
N PHE D 159 30.05 -16.67 19.56
CA PHE D 159 29.33 -15.66 20.34
C PHE D 159 29.48 -16.07 21.80
N MET D 160 29.96 -15.15 22.64
CA MET D 160 30.15 -15.43 24.06
C MET D 160 29.59 -14.35 24.99
N TRP D 161 28.71 -14.77 25.90
CA TRP D 161 28.11 -13.86 26.88
C TRP D 161 28.80 -14.10 28.22
N SER D 162 29.37 -13.02 28.77
CA SER D 162 30.11 -13.08 30.01
C SER D 162 29.63 -12.05 31.01
N GLY D 163 29.85 -12.35 32.29
CA GLY D 163 29.42 -11.47 33.34
C GLY D 163 28.10 -12.01 33.83
N LEU D 164 27.90 -13.29 33.56
CA LEU D 164 26.68 -13.96 33.99
C LEU D 164 26.76 -14.23 35.48
N SER D 165 27.96 -14.64 35.90
CA SER D 165 28.28 -14.97 37.28
C SER D 165 27.60 -14.13 38.36
N ASN D 166 27.76 -12.82 38.31
CA ASN D 166 27.14 -12.00 39.32
C ASN D 166 25.63 -11.87 39.10
N TYR D 167 25.05 -12.99 38.67
CA TYR D 167 23.61 -13.13 38.42
C TYR D 167 23.23 -14.57 38.80
N ILE D 168 23.74 -15.01 39.94
CA ILE D 168 23.50 -16.33 40.50
C ILE D 168 22.04 -16.78 40.50
N ASN D 169 21.85 -18.08 40.31
CA ASN D 169 20.55 -18.74 40.28
C ASN D 169 19.48 -18.14 39.37
N GLN D 170 19.88 -17.52 38.27
CA GLN D 170 18.92 -16.91 37.34
C GLN D 170 19.00 -17.55 35.96
N PRO D 171 17.87 -17.69 35.27
CA PRO D 171 17.84 -18.29 33.92
C PRO D 171 18.60 -17.47 32.87
N PHE D 172 19.41 -18.17 32.09
CA PHE D 172 20.21 -17.54 31.05
C PHE D 172 19.42 -17.19 29.78
N SER D 173 19.11 -15.91 29.62
CA SER D 173 18.37 -15.45 28.46
C SER D 173 19.01 -14.18 27.92
N THR D 174 19.12 -14.06 26.60
CA THR D 174 19.70 -12.85 26.00
C THR D 174 18.66 -12.19 25.11
N PRO D 175 18.88 -10.91 24.76
CA PRO D 175 17.95 -10.16 23.91
C PRO D 175 18.36 -10.49 22.48
N SER D 176 17.81 -9.78 21.50
CA SER D 176 18.24 -10.00 20.12
C SER D 176 19.45 -9.10 20.01
N CYS D 177 20.58 -9.66 19.59
CA CYS D 177 21.82 -8.90 19.48
C CYS D 177 22.36 -8.73 18.07
N SER D 178 22.68 -7.50 17.71
CA SER D 178 23.22 -7.17 16.40
C SER D 178 24.76 -7.17 16.36
N PHE D 179 25.31 -7.58 15.22
CA PHE D 179 26.75 -7.60 15.02
C PHE D 179 26.99 -7.62 13.52
N SER D 180 28.20 -7.29 13.11
CA SER D 180 28.53 -7.23 11.69
C SER D 180 30.02 -7.44 11.43
N TYR D 181 30.33 -7.87 10.21
CA TYR D 181 31.72 -8.11 9.85
C TYR D 181 31.93 -8.04 8.36
N ILE D 182 33.18 -7.80 7.97
CA ILE D 182 33.54 -7.72 6.57
C ILE D 182 33.57 -9.15 6.07
N THR D 183 33.06 -9.35 4.87
CA THR D 183 33.00 -10.67 4.29
C THR D 183 34.23 -11.12 3.52
N GLN D 184 34.57 -12.39 3.69
CA GLN D 184 35.72 -13.00 3.02
C GLN D 184 35.56 -12.79 1.54
N GLU D 185 34.33 -12.55 1.12
CA GLU D 185 34.01 -12.35 -0.28
C GLU D 185 32.63 -11.70 -0.46
N THR E 1 14.39 -0.13 -9.03
CA THR E 1 14.84 1.24 -8.64
C THR E 1 13.74 2.30 -8.82
N PRO E 2 12.49 1.95 -8.51
CA PRO E 2 11.38 2.90 -8.65
C PRO E 2 11.51 4.15 -7.77
N TYR E 3 12.11 4.01 -6.59
CA TYR E 3 12.26 5.13 -5.65
C TYR E 3 12.96 4.74 -4.32
N ASP E 4 13.78 3.70 -4.38
CA ASP E 4 14.48 3.20 -3.20
C ASP E 4 13.39 2.65 -2.30
N PRO E 5 12.65 1.64 -2.78
CA PRO E 5 11.55 1.01 -2.04
C PRO E 5 12.05 0.26 -0.82
N LEU E 6 13.34 0.38 -0.54
CA LEU E 6 13.92 -0.32 0.59
C LEU E 6 14.26 0.61 1.74
N THR E 7 13.75 1.84 1.67
CA THR E 7 14.00 2.80 2.72
C THR E 7 12.75 3.54 3.12
N LEU E 8 12.43 3.47 4.40
CA LEU E 8 11.31 4.18 4.96
C LEU E 8 11.93 5.23 5.87
N TRP E 9 11.41 6.45 5.84
CA TRP E 9 11.93 7.50 6.72
C TRP E 9 10.93 8.62 6.95
N THR E 10 11.37 9.65 7.67
CA THR E 10 10.54 10.80 8.00
C THR E 10 11.23 12.02 7.41
N THR E 11 12.14 11.75 6.48
CA THR E 11 12.98 12.77 5.84
C THR E 11 14.08 13.01 6.89
N PRO E 12 15.28 13.40 6.46
CA PRO E 12 16.34 13.63 7.44
C PRO E 12 16.16 14.79 8.43
N ASP E 13 15.41 15.82 8.04
CA ASP E 13 15.26 17.00 8.89
C ASP E 13 13.80 17.46 9.13
N PRO E 14 12.93 16.56 9.62
CA PRO E 14 11.52 16.85 9.90
C PRO E 14 11.28 17.82 11.05
N PRO E 15 10.16 18.56 10.98
CA PRO E 15 9.76 19.53 12.00
C PRO E 15 9.16 18.71 13.12
N PRO E 16 8.72 19.36 14.20
CA PRO E 16 8.13 18.56 15.27
C PRO E 16 7.01 17.71 14.65
N ASN E 17 7.01 16.42 14.92
CA ASN E 17 5.98 15.56 14.36
C ASN E 17 5.54 14.45 15.29
N CYS E 18 5.69 14.70 16.60
CA CYS E 18 5.31 13.77 17.65
C CYS E 18 4.63 14.54 18.77
N SER E 19 3.62 13.94 19.38
CA SER E 19 2.91 14.56 20.48
C SER E 19 2.94 13.60 21.67
N LEU E 20 4.14 13.24 22.07
CA LEU E 20 4.39 12.30 23.16
C LEU E 20 3.87 12.66 24.55
N ILE E 21 3.61 13.95 24.77
CA ILE E 21 3.10 14.39 26.07
C ILE E 21 2.18 15.58 25.82
N GLN E 22 2.64 16.50 24.99
CA GLN E 22 1.84 17.66 24.62
C GLN E 22 2.01 17.84 23.11
N GLU E 23 1.05 18.51 22.49
CA GLU E 23 1.06 18.71 21.05
C GLU E 23 2.38 19.18 20.42
N LEU E 24 2.83 18.43 19.42
CA LEU E 24 4.07 18.73 18.71
C LEU E 24 5.21 19.09 19.65
N ASP E 25 5.49 18.19 20.60
CA ASP E 25 6.55 18.42 21.57
C ASP E 25 7.88 17.77 21.25
N ALA E 26 8.07 17.24 20.05
CA ALA E 26 9.34 16.60 19.74
C ALA E 26 9.59 16.27 18.27
N LYS E 27 10.87 16.15 17.89
CA LYS E 27 11.25 15.80 16.52
C LYS E 27 11.80 14.37 16.50
N LEU E 28 11.18 13.53 15.70
CA LEU E 28 11.58 12.13 15.55
C LEU E 28 12.14 11.91 14.16
N THR E 29 13.41 11.50 14.11
CA THR E 29 14.05 11.21 12.84
C THR E 29 14.22 9.69 12.81
N LEU E 30 13.65 9.06 11.79
CA LEU E 30 13.80 7.62 11.69
C LEU E 30 13.94 7.12 10.26
N CYS E 31 15.02 6.38 10.03
CA CYS E 31 15.29 5.81 8.72
C CYS E 31 15.37 4.31 8.90
N LEU E 32 14.61 3.57 8.10
CA LEU E 32 14.61 2.13 8.15
C LEU E 32 15.01 1.69 6.76
N THR E 33 16.08 0.90 6.66
CA THR E 33 16.54 0.43 5.37
C THR E 33 16.62 -1.09 5.30
N LYS E 34 15.87 -1.68 4.37
CA LYS E 34 15.83 -3.13 4.23
C LYS E 34 17.01 -3.79 3.52
N ASN E 35 17.76 -4.58 4.27
CA ASN E 35 18.90 -5.31 3.73
C ASN E 35 18.57 -6.79 3.83
N GLY E 36 17.91 -7.32 2.80
CA GLY E 36 17.53 -8.72 2.81
C GLY E 36 16.50 -9.02 3.89
N SER E 37 16.72 -10.09 4.64
CA SER E 37 15.79 -10.49 5.68
C SER E 37 16.11 -9.79 7.00
N ILE E 38 16.62 -8.56 6.92
CA ILE E 38 16.99 -7.79 8.09
C ILE E 38 16.95 -6.29 7.82
N VAL E 39 16.29 -5.53 8.68
CA VAL E 39 16.23 -4.08 8.51
C VAL E 39 17.23 -3.38 9.42
N ASN E 40 17.92 -2.39 8.84
CA ASN E 40 18.87 -1.60 9.59
C ASN E 40 18.18 -0.27 9.79
N GLY E 41 17.98 0.11 11.04
CA GLY E 41 17.34 1.38 11.27
C GLY E 41 18.12 2.26 12.21
N ILE E 42 17.96 3.56 12.04
CA ILE E 42 18.60 4.55 12.90
C ILE E 42 17.50 5.47 13.42
N VAL E 43 17.34 5.52 14.74
CA VAL E 43 16.33 6.37 15.34
C VAL E 43 17.00 7.57 16.00
N SER E 44 16.21 8.63 16.23
CA SER E 44 16.72 9.85 16.81
C SER E 44 15.55 10.73 17.26
N LEU E 45 15.53 11.05 18.54
CA LEU E 45 14.47 11.86 19.11
C LEU E 45 15.00 13.05 19.91
N VAL E 46 14.36 14.21 19.76
CA VAL E 46 14.79 15.41 20.49
C VAL E 46 13.57 16.26 20.91
N GLY E 47 13.51 16.63 22.18
CA GLY E 47 12.38 17.42 22.65
C GLY E 47 12.36 18.88 22.20
N VAL E 48 11.15 19.46 22.10
CA VAL E 48 10.97 20.86 21.71
C VAL E 48 9.82 21.56 22.48
N LYS E 49 9.05 20.80 23.25
CA LYS E 49 7.94 21.37 24.03
C LYS E 49 7.66 20.71 25.37
N GLY E 50 7.58 21.54 26.41
CA GLY E 50 7.30 21.07 27.75
C GLY E 50 8.30 20.16 28.43
N ASN E 51 7.78 19.12 29.07
CA ASN E 51 8.57 18.14 29.81
C ASN E 51 9.75 17.50 29.06
N LEU E 52 9.73 17.57 27.74
CA LEU E 52 10.83 16.99 26.96
C LEU E 52 12.03 17.93 26.92
N LEU E 53 11.80 19.21 27.21
CA LEU E 53 12.89 20.20 27.23
C LEU E 53 13.40 20.36 28.66
N ASN E 54 12.77 19.65 29.59
CA ASN E 54 13.15 19.72 30.99
C ASN E 54 12.62 18.47 31.67
N ILE E 55 13.38 17.38 31.52
CA ILE E 55 13.02 16.09 32.10
C ILE E 55 12.40 16.25 33.48
N GLN E 56 11.13 15.87 33.58
CA GLN E 56 10.39 16.00 34.83
C GLN E 56 10.97 15.09 35.89
N SER E 57 10.74 15.45 37.16
CA SER E 57 11.25 14.67 38.30
C SER E 57 10.85 13.20 38.28
N THR E 58 9.58 12.93 38.05
CA THR E 58 9.11 11.55 38.05
C THR E 58 9.26 10.83 36.71
N THR E 59 9.38 11.58 35.61
CA THR E 59 9.53 11.00 34.28
C THR E 59 10.86 10.24 34.18
N THR E 60 10.80 8.92 34.01
CA THR E 60 12.00 8.10 33.92
C THR E 60 12.26 7.51 32.54
N THR E 61 11.22 7.47 31.70
CA THR E 61 11.35 6.92 30.36
C THR E 61 10.66 7.81 29.33
N VAL E 62 11.29 7.96 28.16
CA VAL E 62 10.71 8.72 27.07
C VAL E 62 10.55 7.67 26.00
N GLY E 63 9.33 7.49 25.51
CA GLY E 63 9.10 6.47 24.50
C GLY E 63 8.25 6.85 23.31
N VAL E 64 8.32 6.02 22.27
CA VAL E 64 7.56 6.24 21.05
C VAL E 64 7.21 4.91 20.37
N HIS E 65 6.07 4.90 19.68
CA HIS E 65 5.62 3.72 18.97
C HIS E 65 5.18 4.08 17.57
N LEU E 66 5.23 3.10 16.70
CA LEU E 66 4.78 3.24 15.33
C LEU E 66 4.08 1.90 15.15
N VAL E 67 2.77 1.95 14.98
CA VAL E 67 2.01 0.73 14.83
C VAL E 67 1.59 0.56 13.39
N PHE E 68 1.99 -0.55 12.80
CA PHE E 68 1.67 -0.83 11.40
C PHE E 68 0.55 -1.86 11.33
N ASP E 69 -0.16 -1.89 10.20
CA ASP E 69 -1.24 -2.86 10.02
C ASP E 69 -0.74 -4.10 9.29
N GLU E 70 -1.65 -5.05 9.08
CA GLU E 70 -1.36 -6.33 8.42
C GLU E 70 -0.70 -6.22 7.05
N GLN E 71 -0.62 -5.01 6.50
CA GLN E 71 0.01 -4.80 5.20
C GLN E 71 1.31 -4.03 5.36
N GLY E 72 1.56 -3.56 6.58
CA GLY E 72 2.78 -2.82 6.85
C GLY E 72 2.65 -1.31 6.80
N ARG E 73 1.43 -0.80 6.71
CA ARG E 73 1.24 0.63 6.66
C ARG E 73 1.14 1.27 8.03
N LEU E 74 1.60 2.52 8.13
CA LEU E 74 1.58 3.26 9.39
C LEU E 74 0.17 3.67 9.74
N ILE E 75 -0.17 3.51 11.01
CA ILE E 75 -1.50 3.86 11.50
C ILE E 75 -1.34 5.08 12.40
N THR E 76 -1.58 6.24 11.80
CA THR E 76 -1.46 7.53 12.45
C THR E 76 -2.48 7.76 13.56
N SER E 77 -2.58 6.79 14.47
CA SER E 77 -3.49 6.87 15.60
C SER E 77 -2.67 6.61 16.84
N THR E 78 -3.32 6.69 17.99
CA THR E 78 -2.62 6.42 19.24
C THR E 78 -2.48 4.90 19.23
N PRO E 79 -1.36 4.37 19.75
CA PRO E 79 -0.18 4.98 20.36
C PRO E 79 0.96 5.40 19.42
N THR E 80 0.69 5.58 18.13
CA THR E 80 1.76 5.99 17.20
C THR E 80 2.25 7.42 17.44
N ALA E 81 3.54 7.57 17.71
CA ALA E 81 4.14 8.86 18.00
C ALA E 81 4.07 9.87 16.86
N LEU E 82 4.08 9.39 15.62
CA LEU E 82 4.02 10.29 14.49
C LEU E 82 2.58 10.78 14.23
N VAL E 83 2.43 12.09 14.06
CA VAL E 83 1.13 12.67 13.79
C VAL E 83 0.68 12.31 12.38
N PRO E 84 -0.64 12.27 12.15
CA PRO E 84 -1.24 11.94 10.86
C PRO E 84 -0.70 12.71 9.66
N GLN E 85 -0.28 13.95 9.88
CA GLN E 85 0.24 14.77 8.79
C GLN E 85 1.76 14.72 8.62
N ALA E 86 2.44 14.00 9.50
CA ALA E 86 3.90 13.91 9.44
C ALA E 86 4.44 13.03 8.31
N SER E 87 5.49 13.52 7.65
CA SER E 87 6.13 12.79 6.56
C SER E 87 6.59 11.44 7.02
N TRP E 88 6.54 10.48 6.11
CA TRP E 88 6.97 9.11 6.38
C TRP E 88 6.57 8.17 5.26
N GLY E 89 7.57 7.74 4.50
CA GLY E 89 7.36 6.84 3.38
C GLY E 89 8.69 6.64 2.69
N TYR E 90 8.66 6.28 1.41
CA TYR E 90 9.88 6.04 0.63
C TYR E 90 10.69 7.32 0.45
N ARG E 91 11.99 7.16 0.23
CA ARG E 91 12.88 8.30 0.03
C ARG E 91 12.85 8.81 -1.40
N GLN E 92 12.76 10.13 -1.52
CA GLN E 92 12.74 10.81 -2.81
C GLN E 92 13.66 11.99 -2.61
N GLY E 93 14.96 11.73 -2.53
CA GLY E 93 15.91 12.79 -2.31
C GLY E 93 16.00 13.02 -0.81
N GLN E 94 15.80 14.26 -0.41
CA GLN E 94 15.82 14.63 1.01
C GLN E 94 14.38 14.67 1.45
N SER E 95 13.51 14.09 0.64
CA SER E 95 12.09 14.09 0.92
C SER E 95 11.42 12.74 0.65
N VAL E 96 10.15 12.65 1.01
CA VAL E 96 9.35 11.43 0.86
C VAL E 96 8.50 11.39 -0.42
N SER E 97 8.37 10.19 -0.99
CA SER E 97 7.63 9.97 -2.23
C SER E 97 6.13 9.85 -2.00
N THR E 98 5.35 10.17 -3.03
CA THR E 98 3.90 10.09 -2.95
C THR E 98 3.42 8.71 -3.32
N ASN E 99 4.36 7.76 -3.42
CA ASN E 99 4.05 6.39 -3.79
C ASN E 99 3.74 5.54 -2.55
N THR E 100 2.47 5.20 -2.36
CA THR E 100 2.07 4.42 -1.18
C THR E 100 2.94 3.18 -1.00
N VAL E 101 3.07 2.76 0.26
CA VAL E 101 3.86 1.59 0.61
C VAL E 101 3.11 0.32 0.24
N THR E 102 3.84 -0.62 -0.36
CA THR E 102 3.26 -1.88 -0.79
C THR E 102 3.89 -3.05 -0.04
N ASN E 103 5.22 -3.12 -0.10
CA ASN E 103 5.97 -4.18 0.57
C ASN E 103 6.21 -3.91 2.05
N GLY E 104 5.24 -3.29 2.70
CA GLY E 104 5.38 -2.99 4.12
C GLY E 104 5.88 -4.21 4.88
N LEU E 105 5.43 -5.40 4.48
CA LEU E 105 5.84 -6.62 5.17
C LEU E 105 7.34 -6.90 5.10
N GLY E 106 8.06 -6.12 4.29
CA GLY E 106 9.50 -6.32 4.16
C GLY E 106 10.24 -5.55 5.23
N PHE E 107 9.53 -4.64 5.89
CA PHE E 107 10.11 -3.83 6.96
C PHE E 107 9.48 -4.21 8.29
N MET E 108 8.48 -5.08 8.26
CA MET E 108 7.82 -5.47 9.49
C MET E 108 8.57 -6.56 10.22
N PRO E 109 8.66 -6.45 11.55
CA PRO E 109 9.35 -7.41 12.42
C PRO E 109 8.70 -8.77 12.27
N ASN E 110 9.53 -9.81 12.15
CA ASN E 110 9.05 -11.19 11.96
C ASN E 110 8.37 -11.77 13.21
N VAL E 111 7.05 -11.91 13.15
CA VAL E 111 6.29 -12.44 14.27
C VAL E 111 6.68 -13.87 14.67
N SER E 112 6.86 -14.74 13.69
CA SER E 112 7.26 -16.10 13.99
C SER E 112 8.50 -16.01 14.91
N ALA E 113 9.16 -14.86 14.86
CA ALA E 113 10.35 -14.61 15.67
C ALA E 113 10.01 -13.70 16.86
N TYR E 114 9.14 -12.72 16.61
CA TYR E 114 8.73 -11.77 17.64
C TYR E 114 7.19 -11.83 17.74
N PRO E 115 6.66 -12.88 18.39
CA PRO E 115 5.22 -13.06 18.54
C PRO E 115 4.58 -11.85 19.20
N ARG E 116 3.38 -11.50 18.77
CA ARG E 116 2.68 -10.35 19.33
C ARG E 116 2.54 -10.39 20.85
N PRO E 117 2.16 -11.54 21.41
CA PRO E 117 2.00 -11.70 22.86
C PRO E 117 3.29 -11.89 23.66
N ASN E 118 4.44 -12.00 22.98
CA ASN E 118 5.71 -12.24 23.66
C ASN E 118 6.65 -11.05 23.93
N ALA E 119 6.17 -9.83 23.68
CA ALA E 119 6.98 -8.62 23.88
C ALA E 119 7.84 -8.59 25.14
N SER E 120 7.42 -9.29 26.19
CA SER E 120 8.16 -9.32 27.44
C SER E 120 9.38 -10.20 27.35
N GLU E 121 9.40 -11.02 26.30
CA GLU E 121 10.52 -11.93 26.08
C GLU E 121 11.78 -11.17 25.68
N ALA E 122 12.92 -11.67 26.14
CA ALA E 122 14.21 -11.07 25.85
C ALA E 122 14.48 -10.96 24.35
N LYS E 123 14.19 -12.05 23.63
CA LYS E 123 14.39 -12.11 22.19
C LYS E 123 13.55 -11.11 21.40
N SER E 124 12.46 -10.62 21.98
CA SER E 124 11.60 -9.67 21.29
C SER E 124 12.04 -8.23 21.47
N GLN E 125 13.20 -8.05 22.06
CA GLN E 125 13.74 -6.72 22.30
C GLN E 125 15.26 -6.65 22.12
N MET E 126 15.72 -5.46 21.73
CA MET E 126 17.13 -5.23 21.54
C MET E 126 17.46 -4.06 22.46
N VAL E 127 18.27 -4.35 23.49
CA VAL E 127 18.64 -3.35 24.50
C VAL E 127 20.09 -2.87 24.39
N SER E 128 20.26 -1.55 24.37
CA SER E 128 21.59 -0.97 24.27
C SER E 128 21.85 0.15 25.25
N LEU E 129 23.13 0.39 25.51
CA LEU E 129 23.53 1.47 26.39
C LEU E 129 23.85 2.67 25.48
N THR E 130 23.28 3.82 25.78
CA THR E 130 23.51 5.01 24.98
C THR E 130 23.67 6.25 25.87
N TYR E 131 23.77 7.45 25.28
CA TYR E 131 23.98 8.65 26.08
C TYR E 131 23.09 9.86 25.78
N LEU E 132 22.48 10.38 26.84
CA LEU E 132 21.60 11.54 26.75
C LEU E 132 22.37 12.73 26.18
N GLN E 133 21.83 13.34 25.13
CA GLN E 133 22.48 14.47 24.51
C GLN E 133 23.81 14.03 23.93
N GLY E 134 24.02 12.72 23.87
CA GLY E 134 25.26 12.17 23.34
C GLY E 134 26.43 12.39 24.28
N ASP E 135 26.12 12.66 25.54
CA ASP E 135 27.12 12.93 26.57
C ASP E 135 27.56 11.65 27.30
N THR E 136 28.86 11.34 27.25
CA THR E 136 29.38 10.12 27.86
C THR E 136 29.22 10.08 29.36
N SER E 137 28.89 11.21 29.97
CA SER E 137 28.71 11.25 31.41
C SER E 137 27.24 11.13 31.80
N LYS E 138 26.39 10.86 30.83
CA LYS E 138 24.95 10.72 31.08
C LYS E 138 24.42 9.51 30.33
N PRO E 139 24.89 8.31 30.71
CA PRO E 139 24.46 7.05 30.08
C PRO E 139 22.98 6.72 30.28
N ILE E 140 22.37 6.14 29.26
CA ILE E 140 20.97 5.73 29.34
C ILE E 140 20.77 4.44 28.55
N THR E 141 19.56 3.91 28.64
CA THR E 141 19.28 2.68 27.92
C THR E 141 18.10 2.79 26.99
N MET E 142 18.30 2.25 25.78
CA MET E 142 17.26 2.25 24.75
C MET E 142 16.82 0.83 24.46
N LYS E 143 15.53 0.59 24.60
CA LYS E 143 15.02 -0.73 24.33
C LYS E 143 14.07 -0.68 23.14
N VAL E 144 14.36 -1.48 22.14
CA VAL E 144 13.49 -1.54 20.98
C VAL E 144 12.77 -2.84 21.22
N ALA E 145 11.46 -2.79 21.38
CA ALA E 145 10.69 -4.00 21.59
C ALA E 145 9.92 -4.24 20.31
N PHE E 146 9.89 -5.50 19.87
CA PHE E 146 9.20 -5.88 18.64
C PHE E 146 7.82 -6.47 18.93
N ASN E 147 6.83 -6.04 18.16
CA ASN E 147 5.46 -6.51 18.28
C ASN E 147 4.96 -6.65 19.71
N GLY E 148 5.10 -5.58 20.49
CA GLY E 148 4.65 -5.59 21.86
C GLY E 148 3.38 -4.76 21.97
N ILE E 149 3.09 -4.04 20.90
CA ILE E 149 1.91 -3.21 20.89
C ILE E 149 1.23 -3.25 19.53
N THR E 150 0.89 -4.47 19.07
CA THR E 150 0.22 -4.64 17.78
C THR E 150 -1.29 -4.79 18.00
N SER E 151 -2.01 -5.22 16.97
CA SER E 151 -3.46 -5.41 17.07
C SER E 151 -3.98 -6.57 16.20
N LEU E 152 -3.60 -7.79 16.56
CA LEU E 152 -4.00 -9.02 15.86
C LEU E 152 -3.57 -9.17 14.41
N ASN E 153 -3.49 -8.08 13.67
CA ASN E 153 -3.09 -8.14 12.28
C ASN E 153 -1.86 -7.29 12.02
N GLY E 154 -1.66 -6.31 12.88
CA GLY E 154 -0.54 -5.41 12.72
C GLY E 154 0.80 -5.91 13.23
N TYR E 155 1.77 -5.01 13.15
CA TYR E 155 3.14 -5.23 13.59
C TYR E 155 3.49 -3.87 14.20
N SER E 156 4.45 -3.83 15.12
CA SER E 156 4.81 -2.58 15.75
C SER E 156 6.27 -2.45 16.18
N LEU E 157 6.74 -1.21 16.25
CA LEU E 157 8.09 -0.88 16.69
C LEU E 157 7.98 0.00 17.93
N THR E 158 8.77 -0.30 18.96
CA THR E 158 8.74 0.46 20.20
C THR E 158 10.14 0.87 20.64
N PHE E 159 10.26 2.12 21.11
CA PHE E 159 11.54 2.63 21.57
C PHE E 159 11.43 3.20 22.99
N MET E 160 12.28 2.72 23.89
CA MET E 160 12.26 3.18 25.27
C MET E 160 13.63 3.55 25.82
N TRP E 161 13.76 4.84 26.17
CA TRP E 161 14.98 5.39 26.75
C TRP E 161 14.68 5.55 28.23
N SER E 162 15.46 4.86 29.06
CA SER E 162 15.27 4.90 30.52
C SER E 162 16.55 5.21 31.28
N GLY E 163 16.40 5.55 32.56
CA GLY E 163 17.53 5.89 33.40
C GLY E 163 17.52 7.38 33.65
N LEU E 164 16.62 8.06 32.95
CA LEU E 164 16.46 9.51 33.02
C LEU E 164 16.41 10.03 34.44
N SER E 165 15.98 9.15 35.35
CA SER E 165 15.85 9.45 36.77
C SER E 165 16.86 10.46 37.31
N ASN E 166 18.11 10.36 36.89
CA ASN E 166 19.12 11.27 37.39
C ASN E 166 19.56 12.40 36.46
N TYR E 167 18.78 12.67 35.42
CA TYR E 167 19.12 13.78 34.54
C TYR E 167 17.98 14.80 34.60
N ILE E 168 17.48 14.99 35.82
CA ILE E 168 16.38 15.90 36.09
C ILE E 168 16.69 17.34 35.68
N ASN E 169 15.67 18.02 35.15
CA ASN E 169 15.76 19.40 34.70
C ASN E 169 16.64 19.61 33.46
N GLN E 170 17.05 18.50 32.85
CA GLN E 170 17.88 18.58 31.65
C GLN E 170 17.02 18.29 30.43
N PRO E 171 17.41 18.81 29.25
CA PRO E 171 16.67 18.61 28.01
C PRO E 171 16.88 17.20 27.45
N PHE E 172 15.79 16.48 27.23
CA PHE E 172 15.89 15.12 26.68
C PHE E 172 16.32 15.19 25.23
N SER E 173 17.32 14.38 24.88
CA SER E 173 17.84 14.37 23.52
C SER E 173 18.57 13.05 23.37
N THR E 174 18.49 12.41 22.21
CA THR E 174 19.21 11.15 22.05
C THR E 174 20.09 11.27 20.84
N PRO E 175 21.24 10.60 20.86
CA PRO E 175 22.13 10.66 19.70
C PRO E 175 21.44 9.84 18.62
N SER E 176 22.08 9.66 17.47
CA SER E 176 21.49 8.85 16.43
C SER E 176 21.73 7.45 16.95
N CYS E 177 20.66 6.69 17.12
CA CYS E 177 20.79 5.33 17.64
C CYS E 177 20.45 4.29 16.59
N SER E 178 21.22 3.21 16.61
CA SER E 178 21.01 2.13 15.65
C SER E 178 20.37 0.93 16.30
N PHE E 179 19.69 0.15 15.48
CA PHE E 179 19.04 -1.09 15.89
C PHE E 179 18.82 -1.88 14.59
N SER E 180 18.19 -3.05 14.70
CA SER E 180 17.93 -3.89 13.54
C SER E 180 17.02 -5.02 13.93
N TYR E 181 16.46 -5.71 12.94
CA TYR E 181 15.55 -6.81 13.25
C TYR E 181 15.27 -7.74 12.06
N ILE E 182 14.83 -8.94 12.37
CA ILE E 182 14.52 -9.92 11.34
C ILE E 182 13.16 -9.57 10.72
N THR E 183 13.07 -9.63 9.41
CA THR E 183 11.82 -9.24 8.76
C THR E 183 10.83 -10.35 8.47
N GLN E 184 9.56 -10.01 8.65
CA GLN E 184 8.44 -10.90 8.44
C GLN E 184 8.49 -11.54 7.06
N GLU E 185 8.57 -10.69 6.04
CA GLU E 185 8.56 -11.15 4.67
C GLU E 185 9.62 -10.44 3.80
N THR F 1 31.41 -6.12 -13.44
CA THR F 1 32.74 -5.57 -13.05
C THR F 1 33.23 -6.20 -11.73
N PRO F 2 34.53 -6.54 -11.66
CA PRO F 2 35.11 -7.14 -10.46
C PRO F 2 35.19 -6.18 -9.27
N TYR F 3 34.97 -4.89 -9.50
CA TYR F 3 35.04 -3.95 -8.39
C TYR F 3 33.61 -3.70 -7.89
N ASP F 4 33.47 -3.54 -6.58
CA ASP F 4 32.18 -3.32 -5.98
C ASP F 4 31.94 -1.86 -5.64
N PRO F 5 31.10 -1.18 -6.43
CA PRO F 5 30.76 0.24 -6.24
C PRO F 5 29.92 0.54 -4.99
N LEU F 6 29.74 -0.47 -4.14
CA LEU F 6 28.95 -0.34 -2.92
C LEU F 6 29.81 -0.22 -1.66
N THR F 7 31.08 -0.57 -1.80
CA THR F 7 31.99 -0.52 -0.67
C THR F 7 33.25 0.28 -0.90
N LEU F 8 33.61 1.07 0.10
CA LEU F 8 34.82 1.85 0.09
C LEU F 8 35.54 1.36 1.32
N TRP F 9 36.81 0.99 1.17
CA TRP F 9 37.61 0.53 2.31
C TRP F 9 39.10 0.81 2.16
N THR F 10 39.82 0.52 3.23
CA THR F 10 41.27 0.70 3.31
C THR F 10 42.00 -0.60 3.01
N THR F 11 41.24 -1.62 2.65
CA THR F 11 41.70 -2.98 2.38
C THR F 11 41.61 -3.68 3.72
N PRO F 12 41.47 -5.00 3.72
CA PRO F 12 41.36 -5.82 4.92
C PRO F 12 42.55 -5.77 5.90
N ASP F 13 43.77 -5.78 5.36
CA ASP F 13 44.99 -5.75 6.17
C ASP F 13 45.90 -4.60 5.80
N PRO F 14 45.45 -3.35 6.02
CA PRO F 14 46.36 -2.27 5.65
C PRO F 14 47.56 -2.18 6.58
N PRO F 15 48.69 -1.68 6.07
CA PRO F 15 49.95 -1.51 6.80
C PRO F 15 49.71 -0.29 7.70
N PRO F 16 50.69 0.10 8.54
CA PRO F 16 50.41 1.29 9.35
C PRO F 16 50.08 2.38 8.35
N ASN F 17 48.87 2.94 8.44
CA ASN F 17 48.43 3.92 7.48
C ASN F 17 48.19 5.32 8.02
N CYS F 18 48.12 5.45 9.34
CA CYS F 18 47.87 6.75 9.96
C CYS F 18 49.09 7.25 10.70
N SER F 19 48.97 8.43 11.30
CA SER F 19 50.03 9.06 12.08
C SER F 19 49.38 10.00 13.08
N LEU F 20 48.52 9.45 13.92
CA LEU F 20 47.79 10.23 14.92
C LEU F 20 48.73 11.07 15.77
N ILE F 21 49.79 10.45 16.28
CA ILE F 21 50.77 11.16 17.09
C ILE F 21 52.07 11.31 16.28
N GLN F 22 52.83 10.23 16.13
CA GLN F 22 54.05 10.31 15.33
C GLN F 22 53.84 9.65 13.96
N GLU F 23 54.87 9.61 13.12
CA GLU F 23 54.76 9.04 11.77
C GLU F 23 54.32 7.58 11.75
N LEU F 24 53.40 7.25 10.84
CA LEU F 24 52.89 5.90 10.68
C LEU F 24 52.89 5.11 11.99
N ASP F 25 52.13 5.59 12.96
CA ASP F 25 52.08 4.95 14.27
C ASP F 25 50.85 4.11 14.50
N ALA F 26 49.92 4.11 13.57
CA ALA F 26 48.69 3.35 13.75
C ALA F 26 48.13 2.75 12.47
N LYS F 27 47.31 1.71 12.65
CA LYS F 27 46.64 1.01 11.55
C LYS F 27 45.12 1.19 11.63
N LEU F 28 44.58 1.95 10.69
CA LEU F 28 43.15 2.17 10.64
C LEU F 28 42.55 1.33 9.53
N THR F 29 41.71 0.37 9.90
CA THR F 29 41.02 -0.45 8.90
C THR F 29 39.61 0.13 8.96
N LEU F 30 39.05 0.50 7.80
CA LEU F 30 37.70 1.02 7.75
C LEU F 30 37.00 0.46 6.54
N CYS F 31 35.75 0.08 6.73
CA CYS F 31 34.93 -0.47 5.67
C CYS F 31 33.57 0.21 5.71
N LEU F 32 33.18 0.86 4.62
CA LEU F 32 31.89 1.56 4.56
C LEU F 32 31.06 1.00 3.42
N THR F 33 30.12 0.13 3.75
CA THR F 33 29.25 -0.45 2.74
C THR F 33 27.90 0.24 2.75
N LYS F 34 27.37 0.53 1.57
CA LYS F 34 26.09 1.21 1.44
C LYS F 34 24.90 0.27 1.38
N ASN F 35 23.87 0.60 2.12
CA ASN F 35 22.64 -0.17 2.18
C ASN F 35 21.49 0.83 2.00
N GLY F 36 21.20 1.15 0.75
CA GLY F 36 20.13 2.11 0.49
C GLY F 36 20.52 3.44 1.06
N SER F 37 19.61 4.04 1.83
CA SER F 37 19.86 5.34 2.41
C SER F 37 20.75 5.26 3.66
N ILE F 38 21.23 4.06 3.96
CA ILE F 38 22.09 3.86 5.12
C ILE F 38 23.42 3.15 4.80
N VAL F 39 24.45 3.53 5.54
CA VAL F 39 25.76 2.92 5.38
C VAL F 39 26.17 2.17 6.64
N ASN F 40 26.41 0.86 6.49
CA ASN F 40 26.86 0.06 7.61
C ASN F 40 28.36 0.18 7.59
N GLY F 41 28.92 0.63 8.72
CA GLY F 41 30.36 0.80 8.81
C GLY F 41 31.01 0.00 9.92
N ILE F 42 32.27 -0.38 9.70
CA ILE F 42 33.02 -1.11 10.72
C ILE F 42 34.41 -0.51 10.80
N VAL F 43 34.75 0.05 11.95
CA VAL F 43 36.06 0.67 12.13
C VAL F 43 36.89 -0.09 13.15
N SER F 44 38.21 0.02 13.01
CA SER F 44 39.14 -0.65 13.89
C SER F 44 40.46 0.14 13.88
N LEU F 45 40.95 0.55 15.06
CA LEU F 45 42.20 1.31 15.18
C LEU F 45 43.14 0.61 16.14
N VAL F 46 44.39 0.44 15.71
CA VAL F 46 45.42 -0.23 16.50
C VAL F 46 46.80 0.41 16.33
N GLY F 47 47.28 1.06 17.37
CA GLY F 47 48.57 1.72 17.31
C GLY F 47 49.72 0.74 17.14
N VAL F 48 50.85 1.23 16.61
CA VAL F 48 52.02 0.40 16.42
C VAL F 48 53.30 1.06 16.91
N LYS F 49 53.37 2.38 16.89
CA LYS F 49 54.55 3.13 17.36
C LYS F 49 54.17 4.11 18.48
N GLY F 50 55.15 4.92 18.88
CA GLY F 50 54.95 5.94 19.89
C GLY F 50 54.11 5.65 21.13
N ASN F 51 53.36 6.66 21.56
CA ASN F 51 52.50 6.56 22.73
C ASN F 51 51.32 5.58 22.66
N LEU F 52 50.88 5.27 21.44
CA LEU F 52 49.74 4.36 21.26
C LEU F 52 50.03 2.92 21.71
N LEU F 53 51.30 2.61 21.98
CA LEU F 53 51.70 1.28 22.44
C LEU F 53 51.60 1.22 23.97
N ASN F 54 51.42 2.38 24.59
CA ASN F 54 51.29 2.49 26.03
C ASN F 54 50.48 3.74 26.35
N ILE F 55 49.15 3.61 26.34
CA ILE F 55 48.28 4.75 26.63
C ILE F 55 48.96 5.59 27.70
N GLN F 56 49.13 6.88 27.44
CA GLN F 56 49.78 7.75 28.41
C GLN F 56 48.87 8.42 29.43
N SER F 57 49.48 8.87 30.51
CA SER F 57 48.77 9.55 31.58
C SER F 57 47.96 10.73 31.06
N THR F 58 48.49 11.43 30.06
CA THR F 58 47.80 12.56 29.49
C THR F 58 46.93 12.17 28.30
N THR F 59 47.08 10.93 27.84
CA THR F 59 46.29 10.44 26.72
C THR F 59 44.96 9.93 27.28
N THR F 60 43.89 10.68 27.06
CA THR F 60 42.59 10.27 27.57
C THR F 60 41.59 10.05 26.44
N THR F 61 42.05 10.28 25.21
CA THR F 61 41.20 10.10 24.05
C THR F 61 42.00 9.93 22.77
N VAL F 62 41.67 8.88 22.02
CA VAL F 62 42.32 8.61 20.75
C VAL F 62 41.24 8.68 19.67
N GLY F 63 41.37 9.64 18.76
CA GLY F 63 40.40 9.81 17.70
C GLY F 63 41.00 10.11 16.34
N VAL F 64 40.39 9.59 15.28
CA VAL F 64 40.86 9.82 13.92
C VAL F 64 39.77 10.54 13.13
N HIS F 65 40.18 11.32 12.13
CA HIS F 65 39.23 12.03 11.30
C HIS F 65 39.46 11.71 9.84
N LEU F 66 38.43 11.91 9.04
CA LEU F 66 38.50 11.72 7.62
C LEU F 66 37.60 12.82 7.02
N VAL F 67 38.22 13.71 6.25
CA VAL F 67 37.49 14.81 5.63
C VAL F 67 37.37 14.57 4.13
N PHE F 68 36.22 14.91 3.56
CA PHE F 68 35.99 14.71 2.14
C PHE F 68 35.48 15.99 1.49
N ASP F 69 35.67 16.07 0.18
CA ASP F 69 35.26 17.23 -0.59
C ASP F 69 33.78 17.24 -0.90
N GLU F 70 33.41 18.19 -1.74
CA GLU F 70 32.03 18.42 -2.19
C GLU F 70 31.48 17.24 -3.03
N GLN F 71 32.35 16.29 -3.36
CA GLN F 71 31.97 15.14 -4.15
C GLN F 71 32.21 13.84 -3.40
N GLY F 72 32.50 13.97 -2.11
CA GLY F 72 32.73 12.80 -1.29
C GLY F 72 34.02 12.07 -1.58
N ARG F 73 35.12 12.81 -1.74
CA ARG F 73 36.42 12.20 -1.98
C ARG F 73 37.41 12.58 -0.87
N LEU F 74 37.79 11.57 -0.09
CA LEU F 74 38.72 11.76 1.01
C LEU F 74 39.84 12.72 0.66
N ILE F 75 40.02 13.75 1.48
CA ILE F 75 41.08 14.73 1.26
C ILE F 75 42.22 14.30 2.18
N THR F 76 43.29 13.78 1.59
CA THR F 76 44.45 13.27 2.33
C THR F 76 45.14 14.27 3.26
N SER F 77 44.92 15.56 3.04
CA SER F 77 45.54 16.59 3.87
C SER F 77 44.91 16.76 5.24
N THR F 78 45.74 17.07 6.22
CA THR F 78 45.32 17.27 7.60
C THR F 78 43.98 18.01 7.68
N PRO F 79 43.13 17.69 8.67
CA PRO F 79 43.28 16.69 9.74
C PRO F 79 42.95 15.23 9.35
N THR F 80 42.81 14.96 8.06
CA THR F 80 42.52 13.59 7.61
C THR F 80 43.61 12.61 8.03
N ALA F 81 43.21 11.63 8.83
CA ALA F 81 44.11 10.62 9.39
C ALA F 81 44.81 9.70 8.40
N LEU F 82 44.26 9.56 7.20
CA LEU F 82 44.86 8.71 6.19
C LEU F 82 45.91 9.46 5.38
N VAL F 83 47.14 8.98 5.48
CA VAL F 83 48.27 9.57 4.77
C VAL F 83 48.01 9.33 3.28
N PRO F 84 48.42 10.27 2.42
CA PRO F 84 48.21 10.11 0.98
C PRO F 84 48.62 8.77 0.35
N GLN F 85 49.71 8.20 0.84
CA GLN F 85 50.21 6.93 0.31
C GLN F 85 49.28 5.79 0.69
N ALA F 86 48.41 6.02 1.68
CA ALA F 86 47.50 4.98 2.16
C ALA F 86 46.41 4.60 1.18
N SER F 87 45.94 3.36 1.29
CA SER F 87 44.88 2.85 0.41
C SER F 87 43.47 3.26 0.79
N TRP F 88 42.71 3.71 -0.19
CA TRP F 88 41.32 4.09 0.05
C TRP F 88 40.54 4.16 -1.27
N GLY F 89 39.48 3.36 -1.37
CA GLY F 89 38.69 3.33 -2.58
C GLY F 89 37.74 2.15 -2.59
N TYR F 90 37.14 1.86 -3.75
CA TYR F 90 36.20 0.74 -3.86
C TYR F 90 36.88 -0.59 -3.58
N ARG F 91 36.08 -1.59 -3.23
CA ARG F 91 36.63 -2.91 -2.99
C ARG F 91 36.82 -3.63 -4.31
N GLN F 92 37.95 -4.31 -4.45
CA GLN F 92 38.22 -5.09 -5.65
C GLN F 92 39.02 -6.27 -5.14
N GLY F 93 38.39 -7.43 -5.06
CA GLY F 93 39.09 -8.57 -4.52
C GLY F 93 39.48 -8.14 -3.11
N GLN F 94 40.60 -8.63 -2.61
CA GLN F 94 41.05 -8.28 -1.28
C GLN F 94 41.76 -6.94 -1.31
N SER F 95 41.56 -6.18 -2.38
CA SER F 95 42.25 -4.92 -2.50
C SER F 95 41.37 -3.72 -2.88
N VAL F 96 41.98 -2.72 -3.48
CA VAL F 96 41.30 -1.50 -3.89
C VAL F 96 41.42 -1.24 -5.38
N SER F 97 40.42 -0.55 -5.94
CA SER F 97 40.39 -0.22 -7.36
C SER F 97 40.98 1.15 -7.64
N THR F 98 41.56 1.30 -8.83
CA THR F 98 42.16 2.57 -9.23
C THR F 98 41.08 3.52 -9.73
N ASN F 99 39.85 3.04 -9.77
CA ASN F 99 38.74 3.85 -10.24
C ASN F 99 38.45 4.98 -9.27
N THR F 100 38.05 6.13 -9.79
CA THR F 100 37.73 7.26 -8.94
C THR F 100 36.27 7.20 -8.51
N VAL F 101 36.05 7.33 -7.21
CA VAL F 101 34.71 7.32 -6.65
C VAL F 101 33.86 8.39 -7.30
N THR F 102 32.95 7.96 -8.15
CA THR F 102 32.08 8.87 -8.85
C THR F 102 30.71 8.86 -8.20
N ASN F 103 30.62 8.17 -7.06
CA ASN F 103 29.38 8.07 -6.31
C ASN F 103 29.60 8.50 -4.86
N GLY F 104 30.63 9.33 -4.65
CA GLY F 104 30.98 9.81 -3.31
C GLY F 104 29.84 10.01 -2.34
N LEU F 105 29.00 11.02 -2.59
CA LEU F 105 27.86 11.37 -1.72
C LEU F 105 27.00 10.18 -1.28
N GLY F 106 27.12 9.06 -1.98
CA GLY F 106 26.36 7.88 -1.59
C GLY F 106 26.83 7.37 -0.23
N PHE F 107 28.08 7.68 0.11
CA PHE F 107 28.65 7.26 1.39
C PHE F 107 28.90 8.45 2.29
N MET F 108 28.34 9.61 1.99
CA MET F 108 28.56 10.77 2.85
C MET F 108 27.44 11.01 3.84
N PRO F 109 27.79 11.41 5.07
CA PRO F 109 26.76 11.67 6.07
C PRO F 109 25.89 12.80 5.57
N ASN F 110 24.59 12.59 5.59
CA ASN F 110 23.59 13.55 5.14
C ASN F 110 23.71 14.94 5.79
N VAL F 111 23.99 16.00 5.03
CA VAL F 111 24.10 17.31 5.67
C VAL F 111 22.82 17.95 6.18
N SER F 112 21.68 17.36 5.87
CA SER F 112 20.42 17.91 6.34
C SER F 112 20.29 17.38 7.76
N ALA F 113 20.50 16.08 7.90
CA ALA F 113 20.44 15.40 9.18
C ALA F 113 21.66 15.74 10.06
N TYR F 114 22.81 16.04 9.45
CA TYR F 114 24.01 16.36 10.23
C TYR F 114 24.68 17.68 9.82
N PRO F 115 24.03 18.83 10.14
CA PRO F 115 24.51 20.18 9.82
C PRO F 115 25.96 20.40 10.24
N ARG F 116 26.69 21.20 9.46
CA ARG F 116 28.10 21.45 9.74
C ARG F 116 28.37 22.15 11.07
N PRO F 117 27.45 23.03 11.53
CA PRO F 117 27.64 23.73 12.82
C PRO F 117 27.18 22.83 13.99
N ASN F 118 26.17 22.01 13.72
CA ASN F 118 25.57 21.12 14.71
C ASN F 118 26.31 19.80 14.97
N ALA F 119 27.60 19.89 15.25
CA ALA F 119 28.42 18.70 15.55
C ALA F 119 28.26 18.31 17.01
N SER F 120 28.11 19.31 17.87
CA SER F 120 27.91 19.07 19.30
C SER F 120 26.48 18.62 19.50
N GLU F 121 25.67 18.79 18.47
CA GLU F 121 24.27 18.38 18.52
C GLU F 121 24.20 16.86 18.59
N ALA F 122 23.43 16.38 19.56
CA ALA F 122 23.28 14.95 19.76
C ALA F 122 23.00 14.16 18.49
N LYS F 123 22.05 14.61 17.69
CA LYS F 123 21.65 13.89 16.47
C LYS F 123 22.76 13.62 15.49
N SER F 124 23.83 14.40 15.58
CA SER F 124 24.99 14.25 14.70
C SER F 124 26.01 13.32 15.32
N GLN F 125 25.58 12.55 16.33
CA GLN F 125 26.47 11.66 17.04
C GLN F 125 25.93 10.25 17.28
N MET F 126 26.78 9.26 17.09
CA MET F 126 26.36 7.91 17.40
C MET F 126 27.38 7.50 18.42
N VAL F 127 26.94 7.39 19.66
CA VAL F 127 27.83 7.00 20.74
C VAL F 127 27.53 5.58 21.23
N SER F 128 28.57 4.87 21.63
CA SER F 128 28.38 3.50 22.09
C SER F 128 29.47 3.08 23.07
N LEU F 129 29.34 1.88 23.62
CA LEU F 129 30.31 1.38 24.57
C LEU F 129 31.07 0.25 23.91
N THR F 130 32.39 0.33 23.90
CA THR F 130 33.19 -0.74 23.33
C THR F 130 34.38 -0.98 24.27
N TYR F 131 35.10 -2.08 24.10
CA TYR F 131 36.19 -2.39 25.02
C TYR F 131 37.61 -2.39 24.48
N LEU F 132 38.52 -1.75 25.21
CA LEU F 132 39.92 -1.67 24.83
C LEU F 132 40.56 -3.06 24.72
N GLN F 133 41.16 -3.34 23.57
CA GLN F 133 41.80 -4.62 23.33
C GLN F 133 40.80 -5.76 23.13
N GLY F 134 39.51 -5.47 23.30
CA GLY F 134 38.51 -6.51 23.12
C GLY F 134 38.35 -7.29 24.40
N ASP F 135 38.79 -6.67 25.49
CA ASP F 135 38.70 -7.25 26.82
C ASP F 135 37.45 -6.69 27.49
N THR F 136 36.45 -7.55 27.66
CA THR F 136 35.18 -7.12 28.25
C THR F 136 35.25 -6.71 29.72
N SER F 137 36.44 -6.34 30.19
CA SER F 137 36.60 -5.89 31.57
C SER F 137 37.25 -4.51 31.55
N LYS F 138 37.56 -4.05 30.34
CA LYS F 138 38.19 -2.75 30.13
C LYS F 138 37.25 -1.95 29.27
N PRO F 139 36.15 -1.48 29.86
CA PRO F 139 35.18 -0.69 29.07
C PRO F 139 35.72 0.69 28.67
N ILE F 140 35.49 1.07 27.42
CA ILE F 140 35.92 2.38 26.95
C ILE F 140 34.73 2.95 26.20
N THR F 141 34.88 4.17 25.70
CA THR F 141 33.78 4.78 24.96
C THR F 141 34.14 5.20 23.55
N MET F 142 33.24 4.94 22.61
CA MET F 142 33.44 5.34 21.24
C MET F 142 32.36 6.34 20.86
N LYS F 143 32.75 7.41 20.17
CA LYS F 143 31.84 8.43 19.72
C LYS F 143 32.07 8.72 18.25
N VAL F 144 31.10 8.39 17.41
CA VAL F 144 31.24 8.66 15.98
C VAL F 144 30.50 9.98 15.76
N ALA F 145 31.17 10.97 15.17
CA ALA F 145 30.52 12.25 14.94
C ALA F 145 30.42 12.46 13.47
N PHE F 146 29.32 13.04 13.02
CA PHE F 146 29.10 13.28 11.59
C PHE F 146 29.18 14.77 11.23
N ASN F 147 29.88 15.06 10.13
CA ASN F 147 30.06 16.42 9.63
C ASN F 147 30.45 17.47 10.65
N GLY F 148 31.23 17.09 11.66
CA GLY F 148 31.63 18.06 12.66
C GLY F 148 33.02 18.63 12.45
N ILE F 149 33.64 18.27 11.33
CA ILE F 149 34.98 18.73 11.01
C ILE F 149 35.15 18.91 9.50
N THR F 150 34.09 19.35 8.83
CA THR F 150 34.11 19.53 7.38
C THR F 150 34.74 20.86 6.93
N SER F 151 34.80 21.05 5.61
CA SER F 151 35.36 22.26 5.01
C SER F 151 34.41 22.81 3.95
N LEU F 152 33.34 23.46 4.42
CA LEU F 152 32.33 24.01 3.52
C LEU F 152 31.73 22.87 2.73
N ASN F 153 31.79 22.91 1.41
CA ASN F 153 31.21 21.85 0.61
C ASN F 153 31.67 20.45 1.02
N GLY F 154 32.57 20.38 2.00
CA GLY F 154 33.09 19.11 2.44
C GLY F 154 32.19 18.26 3.32
N TYR F 155 32.73 17.11 3.73
CA TYR F 155 32.03 16.15 4.57
C TYR F 155 33.09 15.57 5.51
N SER F 156 32.69 14.74 6.47
CA SER F 156 33.67 14.16 7.38
C SER F 156 33.13 13.08 8.32
N LEU F 157 34.06 12.41 9.00
CA LEU F 157 33.79 11.36 9.97
C LEU F 157 34.85 11.41 11.05
N THR F 158 34.41 11.54 12.30
CA THR F 158 35.31 11.60 13.44
C THR F 158 35.06 10.46 14.41
N PHE F 159 36.07 9.63 14.62
CA PHE F 159 35.94 8.52 15.56
C PHE F 159 36.73 8.85 16.82
N MET F 160 36.06 8.86 17.96
CA MET F 160 36.74 9.19 19.21
C MET F 160 36.58 8.10 20.28
N TRP F 161 37.70 7.59 20.76
CA TRP F 161 37.75 6.57 21.80
C TRP F 161 38.33 7.21 23.06
N SER F 162 37.51 7.37 24.07
CA SER F 162 37.95 7.99 25.30
C SER F 162 37.54 7.18 26.53
N GLY F 163 37.87 7.69 27.71
CA GLY F 163 37.59 6.97 28.93
C GLY F 163 38.80 6.08 29.05
N LEU F 164 39.86 6.51 28.38
CA LEU F 164 41.14 5.81 28.32
C LEU F 164 42.01 5.98 29.56
N SER F 165 41.73 7.00 30.35
CA SER F 165 42.55 7.25 31.54
C SER F 165 42.54 6.10 32.54
N ASN F 166 41.53 5.25 32.46
CA ASN F 166 41.45 4.12 33.38
C ASN F 166 42.38 2.99 32.95
N TYR F 167 43.28 3.26 32.00
CA TYR F 167 44.19 2.23 31.49
C TYR F 167 45.60 2.70 31.12
N ILE F 168 46.25 3.47 31.99
CA ILE F 168 47.59 3.93 31.68
C ILE F 168 48.59 2.79 31.55
N ASN F 169 49.60 3.00 30.71
CA ASN F 169 50.63 1.99 30.46
C ASN F 169 50.12 0.77 29.71
N GLN F 170 49.11 0.97 28.86
CA GLN F 170 48.58 -0.16 28.10
C GLN F 170 48.48 0.12 26.62
N PRO F 171 48.67 -0.92 25.81
CA PRO F 171 48.59 -0.79 24.36
C PRO F 171 47.20 -0.37 23.93
N PHE F 172 47.14 0.70 23.13
CA PHE F 172 45.84 1.14 22.65
C PHE F 172 45.46 0.40 21.38
N SER F 173 44.22 -0.08 21.34
CA SER F 173 43.72 -0.77 20.17
C SER F 173 42.25 -1.00 20.42
N THR F 174 41.51 -1.19 19.34
CA THR F 174 40.08 -1.37 19.44
C THR F 174 39.66 -2.59 18.63
N PRO F 175 38.51 -3.17 18.98
CA PRO F 175 38.02 -4.33 18.26
C PRO F 175 37.44 -3.79 16.97
N SER F 176 36.74 -4.64 16.23
CA SER F 176 36.08 -4.18 15.02
C SER F 176 34.80 -3.60 15.62
N CYS F 177 34.65 -2.29 15.50
CA CYS F 177 33.49 -1.59 16.04
C CYS F 177 32.57 -1.18 14.93
N SER F 178 31.27 -1.33 15.17
CA SER F 178 30.25 -1.00 14.19
C SER F 178 29.63 0.36 14.40
N PHE F 179 29.14 0.93 13.31
CA PHE F 179 28.48 2.21 13.35
C PHE F 179 27.73 2.34 12.03
N SER F 180 26.73 3.20 11.99
CA SER F 180 25.95 3.38 10.78
C SER F 180 25.44 4.82 10.72
N TYR F 181 24.98 5.24 9.55
CA TYR F 181 24.44 6.59 9.43
C TYR F 181 23.59 6.79 8.16
N ILE F 182 22.88 7.91 8.13
CA ILE F 182 22.03 8.27 7.01
C ILE F 182 22.91 8.93 5.97
N THR F 183 22.85 8.43 4.73
CA THR F 183 23.66 8.96 3.63
C THR F 183 23.12 10.23 2.96
N GLN F 184 24.03 11.10 2.56
CA GLN F 184 23.70 12.36 1.87
C GLN F 184 23.00 12.09 0.55
N GLU F 185 23.13 10.88 0.06
CA GLU F 185 22.54 10.49 -1.22
C GLU F 185 22.37 8.97 -1.29
#